data_8FZZ
#
_entry.id   8FZZ
#
_cell.length_a   54.311
_cell.length_b   84.769
_cell.length_c   175.940
_cell.angle_alpha   90.00
_cell.angle_beta   90.00
_cell.angle_gamma   90.00
#
_symmetry.space_group_name_H-M   'P 21 21 21'
#
loop_
_entity.id
_entity.type
_entity.pdbx_description
1 polymer 'Ntox15 domain-containing protein'
2 polymer 'DUF1851 domain-containing protein'
3 water water
#
loop_
_entity_poly.entity_id
_entity_poly.type
_entity_poly.pdbx_seq_one_letter_code
_entity_poly.pdbx_strand_id
1 'polypeptide(L)'
;(MSE)GSHHHHHHSQDSVTIFILSVIHVKPPFKLKRKFQNNPHYEKE(MSE)RRQLK(MSE)QEDGINKLTVFEWLTNRK
TFREKGRLSSQTAQNDARDAYKRRK(MSE)FDY(MSE)LLSAENFKYDEITKKVEDELSSLAALHNPDQIAGGNFDDVTA
(MSE)GDKRINSSIGSQWGTKDKGRAQNLEDELLKVLEGPPKIDEEQQKYIK(MSE)NVIFAEDLEIIK
;
A,C
2 'polypeptide(L)'
;(MSE)YE(MSE)FLFNSVNSKITQNVNEEFILKYSDYSCEQLNSLWKEVGLGSYYNGLFKIIEPNDLKDIINQCYI
(MSE)DDDESLLPF(MSE)CTAFGDVFAYVKNKRFGNYVVFLNIRYGTSLIIPDNFVAIFNKVIPNQSFLKGWFDLENYA
FVKEKIGEIDFDECYGYFPTLS(MSE)GGNESIDNISIVK(MSE)IPYID(MSE)NVQ(MSE)IDVFERADKHHHHHH
;
B,D
#
# COMPACT_ATOMS: atom_id res chain seq x y z
N ASP A 12 48.79 -13.32 41.48
CA ASP A 12 47.73 -13.11 40.49
C ASP A 12 47.75 -14.15 39.36
N SER A 13 48.66 -14.01 38.39
CA SER A 13 48.93 -15.04 37.39
C SER A 13 47.67 -15.35 36.54
N VAL A 14 47.31 -14.38 35.69
CA VAL A 14 46.02 -14.43 34.99
C VAL A 14 46.11 -13.68 33.67
N THR A 15 45.35 -14.15 32.68
CA THR A 15 45.10 -13.41 31.44
C THR A 15 43.69 -12.83 31.48
N ILE A 16 43.55 -11.56 31.09
CA ILE A 16 42.29 -10.82 31.19
C ILE A 16 41.96 -10.19 29.84
N PHE A 17 40.72 -10.39 29.37
CA PHE A 17 40.18 -9.68 28.21
C PHE A 17 39.36 -8.49 28.66
N ILE A 18 39.78 -7.29 28.30
CA ILE A 18 39.08 -6.07 28.68
C ILE A 18 38.59 -5.31 27.45
N LEU A 19 37.27 -5.21 27.32
CA LEU A 19 36.68 -4.51 26.18
C LEU A 19 36.73 -2.99 26.39
N VAL A 21 35.14 -0.25 24.01
CA VAL A 21 34.47 0.69 24.90
C VAL A 21 33.28 1.32 24.18
N ILE A 22 32.27 0.49 23.92
CA ILE A 22 31.27 0.75 22.89
C ILE A 22 30.23 1.77 23.37
N HIS A 23 29.90 2.71 22.49
CA HIS A 23 28.77 3.62 22.65
C HIS A 23 27.64 3.21 21.71
N VAL A 24 26.42 3.57 22.07
CA VAL A 24 25.26 3.26 21.24
C VAL A 24 25.10 4.29 20.14
N LYS A 25 25.12 3.85 18.89
CA LYS A 25 24.91 4.74 17.77
C LYS A 25 23.57 4.45 17.13
N PRO A 26 22.74 5.46 16.87
CA PRO A 26 22.89 6.86 17.30
C PRO A 26 22.63 6.96 18.78
N PRO A 27 23.07 8.02 19.46
CA PRO A 27 22.69 8.19 20.85
C PRO A 27 21.17 8.29 21.03
N PHE A 28 20.71 7.88 22.21
CA PHE A 28 19.33 8.11 22.59
C PHE A 28 19.05 9.62 22.62
N LYS A 29 17.94 10.02 22.01
CA LYS A 29 17.52 11.42 21.96
C LYS A 29 16.36 11.66 22.92
N LEU A 30 16.05 12.94 23.14
CA LEU A 30 14.99 13.32 24.08
C LEU A 30 14.28 14.56 23.57
N LYS A 31 12.99 14.66 23.89
CA LYS A 31 12.18 15.80 23.45
C LYS A 31 11.52 16.53 24.62
N PRO A 38 10.41 17.70 32.26
CA PRO A 38 11.05 18.11 33.52
C PRO A 38 11.49 16.91 34.37
N HIS A 39 10.51 16.36 35.10
CA HIS A 39 10.63 15.06 35.76
C HIS A 39 10.94 13.94 34.77
N TYR A 40 10.81 14.19 33.46
CA TYR A 40 11.00 13.17 32.42
C TYR A 40 12.48 12.87 32.18
N GLU A 41 13.29 13.91 31.96
CA GLU A 41 14.71 13.72 31.74
C GLU A 41 15.39 13.04 32.93
N LYS A 42 14.92 13.33 34.15
CA LYS A 42 15.42 12.62 35.32
C LYS A 42 15.17 11.13 35.17
N GLU A 43 13.92 10.75 34.86
CA GLU A 43 13.54 9.34 34.79
C GLU A 43 14.31 8.60 33.71
N ARG A 45 17.52 9.46 32.06
CA ARG A 45 18.89 9.25 32.51
C ARG A 45 18.91 8.14 33.54
N ARG A 46 18.00 8.22 34.53
CA ARG A 46 17.95 7.22 35.60
C ARG A 46 17.76 5.81 35.06
N GLN A 47 16.85 5.63 34.10
CA GLN A 47 16.54 4.30 33.59
C GLN A 47 17.55 3.82 32.56
N LEU A 48 18.18 4.75 31.83
CA LEU A 48 19.22 4.34 30.89
C LEU A 48 20.46 3.85 31.63
N LYS A 49 20.80 4.47 32.76
CA LYS A 49 21.94 3.98 33.55
C LYS A 49 21.67 2.58 34.07
N GLN A 51 19.87 0.30 32.73
CA GLN A 51 20.15 -0.57 31.60
C GLN A 51 21.65 -0.71 31.38
N GLU A 52 22.34 0.43 31.35
CA GLU A 52 23.79 0.46 31.13
C GLU A 52 24.52 -0.40 32.16
N ASP A 53 24.11 -0.33 33.42
CA ASP A 53 24.74 -1.15 34.44
C ASP A 53 24.35 -2.62 34.27
N GLY A 54 23.08 -2.87 33.98
CA GLY A 54 22.64 -4.25 33.84
C GLY A 54 23.34 -4.97 32.71
N ILE A 55 23.74 -4.23 31.68
CA ILE A 55 24.44 -4.84 30.55
C ILE A 55 25.88 -5.17 30.94
N ASN A 56 26.57 -4.25 31.61
CA ASN A 56 27.95 -4.47 31.97
C ASN A 56 28.14 -5.59 33.01
N LYS A 57 27.07 -6.07 33.65
CA LYS A 57 27.19 -7.25 34.49
C LYS A 57 27.11 -8.54 33.70
N LEU A 58 26.84 -8.46 32.40
CA LEU A 58 26.68 -9.65 31.57
C LEU A 58 27.97 -9.99 30.86
N THR A 59 28.21 -11.29 30.67
CA THR A 59 29.32 -11.67 29.81
C THR A 59 28.91 -11.49 28.36
N VAL A 60 29.90 -11.22 27.51
CA VAL A 60 29.68 -11.18 26.06
C VAL A 60 28.88 -12.39 25.63
N PHE A 61 29.24 -13.56 26.14
CA PHE A 61 28.51 -14.77 25.78
C PHE A 61 27.06 -14.70 26.22
N GLU A 62 26.82 -14.31 27.48
CA GLU A 62 25.45 -14.20 27.96
C GLU A 62 24.63 -13.27 27.06
N TRP A 63 25.10 -12.04 26.90
CA TRP A 63 24.39 -11.02 26.13
C TRP A 63 24.02 -11.51 24.74
N LEU A 64 24.97 -12.16 24.04
CA LEU A 64 24.72 -12.61 22.69
C LEU A 64 23.75 -13.77 22.65
N THR A 65 23.80 -14.66 23.65
CA THR A 65 22.76 -15.70 23.74
C THR A 65 21.40 -15.08 23.97
N ASN A 66 21.33 -13.95 24.70
CA ASN A 66 20.07 -13.24 24.91
C ASN A 66 19.62 -12.47 23.69
N ARG A 67 20.54 -11.91 22.90
CA ARG A 67 20.12 -11.24 21.68
C ARG A 67 19.65 -12.24 20.63
N LYS A 68 20.31 -13.41 20.52
CA LYS A 68 19.79 -14.47 19.67
C LYS A 68 18.39 -14.89 20.11
N THR A 69 18.18 -15.01 21.43
CA THR A 69 16.87 -15.39 21.93
C THR A 69 15.83 -14.34 21.60
N PHE A 70 16.22 -13.06 21.66
CA PHE A 70 15.27 -12.00 21.36
C PHE A 70 14.90 -11.98 19.88
N ARG A 71 15.92 -12.10 19.00
CA ARG A 71 15.69 -12.01 17.56
C ARG A 71 14.83 -13.15 17.00
N GLU A 72 14.78 -14.31 17.66
CA GLU A 72 13.93 -15.40 17.19
C GLU A 72 12.47 -15.19 17.58
N LYS A 73 12.05 -13.92 17.67
CA LYS A 73 10.67 -13.53 17.95
C LYS A 73 10.20 -12.65 16.81
N GLY A 74 9.23 -13.13 16.05
CA GLY A 74 8.84 -12.43 14.84
C GLY A 74 9.44 -13.00 13.57
N ARG A 75 8.65 -13.03 12.51
CA ARG A 75 9.05 -13.62 11.23
C ARG A 75 9.66 -12.58 10.27
N THR A 80 4.44 -9.87 2.71
CA THR A 80 3.98 -9.25 3.94
C THR A 80 2.60 -8.60 3.73
N ALA A 81 2.45 -7.78 2.69
CA ALA A 81 1.11 -7.30 2.34
C ALA A 81 0.15 -8.46 2.16
N GLN A 82 0.66 -9.59 1.69
CA GLN A 82 -0.16 -10.78 1.53
C GLN A 82 -0.30 -11.52 2.85
N ASN A 83 0.76 -11.56 3.65
CA ASN A 83 0.67 -12.15 4.97
C ASN A 83 -0.31 -11.37 5.83
N ASP A 84 -0.18 -10.05 5.86
CA ASP A 84 -1.13 -9.24 6.60
C ASP A 84 -2.53 -9.39 6.03
N ALA A 85 -2.64 -9.61 4.71
CA ALA A 85 -3.94 -9.92 4.12
C ALA A 85 -4.46 -11.27 4.63
N ARG A 86 -3.59 -12.28 4.67
CA ARG A 86 -3.96 -13.56 5.26
C ARG A 86 -4.43 -13.38 6.70
N ASP A 87 -3.61 -12.77 7.55
CA ASP A 87 -4.01 -12.63 8.95
C ASP A 87 -5.28 -11.83 9.07
N ALA A 88 -5.43 -10.82 8.21
CA ALA A 88 -6.67 -10.05 8.17
C ALA A 88 -7.88 -10.95 8.02
N TYR A 89 -7.83 -11.87 7.05
CA TYR A 89 -8.96 -12.75 6.79
C TYR A 89 -9.19 -13.71 7.96
N LYS A 90 -8.13 -14.31 8.47
CA LYS A 90 -8.26 -15.27 9.55
C LYS A 90 -8.82 -14.62 10.81
N ARG A 91 -8.19 -13.54 11.28
CA ARG A 91 -8.62 -12.92 12.52
C ARG A 91 -9.98 -12.24 12.39
N ARG A 92 -10.39 -11.85 11.19
CA ARG A 92 -11.73 -11.32 11.02
C ARG A 92 -12.76 -12.43 11.16
N LYS A 93 -12.41 -13.64 10.74
CA LYS A 93 -13.34 -14.75 10.88
C LYS A 93 -13.51 -15.14 12.32
N PHE A 95 -13.24 -13.28 14.94
CA PHE A 95 -14.14 -12.32 15.58
C PHE A 95 -15.59 -12.63 15.25
N ASP A 96 -15.86 -13.12 14.04
CA ASP A 96 -17.22 -13.46 13.68
C ASP A 96 -17.75 -14.59 14.55
N TYR A 97 -17.10 -15.76 14.50
CA TYR A 97 -17.38 -16.86 15.42
C TYR A 97 -17.54 -16.39 16.86
N LEU A 99 -18.13 -13.19 18.32
CA LEU A 99 -19.29 -12.38 18.67
C LEU A 99 -20.58 -13.18 18.54
N LEU A 100 -20.65 -14.07 17.56
CA LEU A 100 -21.84 -14.89 17.35
C LEU A 100 -22.18 -15.71 18.58
N SER A 101 -21.28 -16.61 18.97
CA SER A 101 -21.49 -17.43 20.16
C SER A 101 -21.33 -16.57 21.43
N ALA A 102 -21.91 -17.07 22.52
CA ALA A 102 -21.75 -16.44 23.83
C ALA A 102 -20.91 -17.28 24.78
N GLU A 103 -20.44 -18.44 24.34
CA GLU A 103 -19.52 -19.27 25.11
C GLU A 103 -18.13 -19.18 24.47
N ASN A 104 -17.14 -18.85 25.29
CA ASN A 104 -15.84 -18.45 24.77
C ASN A 104 -15.15 -19.59 24.03
N PHE A 105 -14.23 -19.21 23.15
CA PHE A 105 -13.41 -20.17 22.42
C PHE A 105 -12.01 -20.21 23.04
N LYS A 106 -11.30 -21.29 22.72
CA LYS A 106 -9.93 -21.48 23.18
C LYS A 106 -9.00 -21.14 22.03
N TYR A 107 -7.99 -20.33 22.33
CA TYR A 107 -7.11 -19.80 21.28
C TYR A 107 -6.54 -20.90 20.40
N ASP A 108 -6.09 -22.01 21.00
CA ASP A 108 -5.45 -23.05 20.19
C ASP A 108 -6.44 -23.69 19.23
N GLU A 109 -7.67 -23.93 19.68
CA GLU A 109 -8.67 -24.57 18.83
C GLU A 109 -9.05 -23.66 17.67
N ILE A 110 -9.53 -22.44 17.98
CA ILE A 110 -10.16 -21.58 16.98
C ILE A 110 -9.16 -21.12 15.93
N THR A 111 -7.88 -20.92 16.30
CA THR A 111 -6.91 -20.55 15.29
C THR A 111 -6.73 -21.67 14.26
N LYS A 112 -6.62 -22.93 14.71
CA LYS A 112 -6.47 -24.04 13.77
C LYS A 112 -7.73 -24.25 12.94
N LYS A 113 -8.91 -23.96 13.50
CA LYS A 113 -10.14 -24.05 12.73
C LYS A 113 -10.05 -23.18 11.50
N VAL A 114 -9.99 -21.85 11.70
CA VAL A 114 -9.99 -20.92 10.59
C VAL A 114 -8.77 -21.12 9.69
N GLU A 115 -7.67 -21.63 10.25
CA GLU A 115 -6.48 -21.78 9.44
C GLU A 115 -6.67 -22.85 8.36
N ASP A 116 -7.48 -23.87 8.63
CA ASP A 116 -7.77 -24.88 7.63
C ASP A 116 -8.97 -24.54 6.78
N GLU A 117 -9.77 -23.56 7.19
CA GLU A 117 -10.78 -23.03 6.29
C GLU A 117 -10.11 -22.20 5.19
N LEU A 118 -9.21 -21.29 5.58
CA LEU A 118 -8.49 -20.50 4.58
C LEU A 118 -7.64 -21.39 3.69
N SER A 119 -7.00 -22.41 4.27
CA SER A 119 -6.15 -23.29 3.47
C SER A 119 -6.95 -24.15 2.51
N SER A 120 -8.28 -24.09 2.56
CA SER A 120 -9.14 -24.73 1.58
C SER A 120 -9.41 -23.84 0.37
N LEU A 121 -9.07 -22.55 0.42
CA LEU A 121 -9.04 -21.69 -0.76
C LEU A 121 -7.66 -21.08 -1.01
N ALA A 122 -6.64 -21.41 -0.21
CA ALA A 122 -5.29 -20.90 -0.48
C ALA A 122 -4.66 -21.64 -1.66
N LYS A 159 16.68 -2.75 13.37
CA LYS A 159 17.97 -2.36 12.77
C LYS A 159 18.35 -0.94 13.21
N GLY A 160 17.96 -0.64 14.44
CA GLY A 160 18.32 0.55 15.15
C GLY A 160 19.35 0.27 16.21
N ARG A 161 19.19 0.91 17.37
CA ARG A 161 20.27 0.98 18.35
C ARG A 161 20.72 -0.40 18.82
N ALA A 162 19.78 -1.25 19.23
CA ALA A 162 20.17 -2.54 19.81
C ALA A 162 20.85 -3.42 18.77
N GLN A 163 20.38 -3.40 17.52
CA GLN A 163 21.04 -4.18 16.48
C GLN A 163 22.38 -3.58 16.10
N ASN A 164 22.52 -2.25 16.14
CA ASN A 164 23.82 -1.61 15.95
C ASN A 164 24.79 -2.03 17.04
N LEU A 165 24.32 -2.06 18.29
CA LEU A 165 25.10 -2.56 19.40
C LEU A 165 25.57 -3.99 19.16
N GLU A 166 24.66 -4.86 18.71
CA GLU A 166 25.07 -6.23 18.43
C GLU A 166 26.10 -6.26 17.32
N ASP A 167 26.07 -5.28 16.41
CA ASP A 167 27.01 -5.31 15.29
C ASP A 167 28.34 -4.70 15.68
N GLU A 168 28.31 -3.48 16.24
CA GLU A 168 29.48 -2.86 16.85
C GLU A 168 30.27 -3.86 17.67
N LEU A 169 29.57 -4.66 18.48
CA LEU A 169 30.20 -5.66 19.31
C LEU A 169 30.77 -6.80 18.47
N LEU A 170 29.94 -7.42 17.63
CA LEU A 170 30.39 -8.52 16.81
C LEU A 170 31.60 -8.13 15.99
N LYS A 171 31.69 -6.84 15.61
CA LYS A 171 32.86 -6.37 14.87
C LYS A 171 34.11 -6.41 15.76
N VAL A 172 33.97 -6.08 17.04
CA VAL A 172 35.08 -6.19 17.98
C VAL A 172 35.52 -7.66 18.11
N LEU A 173 34.56 -8.56 18.31
CA LEU A 173 34.90 -9.96 18.58
C LEU A 173 35.62 -10.61 17.42
N GLU A 174 35.38 -10.13 16.21
CA GLU A 174 36.15 -10.68 15.10
C GLU A 174 37.39 -9.85 14.83
N GLY A 175 37.33 -8.54 15.11
CA GLY A 175 38.46 -7.66 14.95
C GLY A 175 39.70 -8.25 15.58
N PRO A 176 40.71 -8.54 14.75
CA PRO A 176 41.86 -9.36 15.20
C PRO A 176 42.50 -8.81 16.47
N PRO A 177 42.81 -9.68 17.42
CA PRO A 177 42.65 -11.14 17.41
C PRO A 177 41.20 -11.61 17.54
N LYS A 178 40.82 -12.58 16.73
CA LYS A 178 39.46 -13.09 16.79
C LYS A 178 39.20 -13.71 18.16
N ILE A 179 37.97 -13.56 18.64
CA ILE A 179 37.55 -13.97 19.97
C ILE A 179 36.58 -15.14 19.83
N ASP A 180 36.84 -16.21 20.56
CA ASP A 180 36.12 -17.46 20.34
C ASP A 180 34.97 -17.62 21.31
N GLU A 181 34.09 -18.58 21.02
CA GLU A 181 32.85 -18.68 21.76
C GLU A 181 33.11 -18.97 23.24
N GLU A 182 34.00 -19.92 23.53
CA GLU A 182 34.37 -20.18 24.92
C GLU A 182 34.93 -18.92 25.57
N GLN A 183 35.79 -18.19 24.85
CA GLN A 183 36.33 -16.97 25.45
C GLN A 183 35.22 -16.00 25.80
N GLN A 184 34.15 -15.95 25.00
CA GLN A 184 33.06 -15.01 25.26
C GLN A 184 32.43 -15.21 26.64
N LYS A 185 32.48 -16.43 27.19
CA LYS A 185 31.98 -16.67 28.53
C LYS A 185 32.81 -15.98 29.61
N TYR A 186 33.84 -15.21 29.21
CA TYR A 186 34.77 -14.63 30.15
C TYR A 186 35.12 -13.18 29.86
N ILE A 187 34.43 -12.51 28.94
CA ILE A 187 34.56 -11.05 28.79
C ILE A 187 33.29 -10.39 29.31
N LYS A 188 33.50 -9.33 30.10
CA LYS A 188 32.39 -8.49 30.52
C LYS A 188 32.09 -7.44 29.46
N ASN A 190 31.09 -3.88 27.96
CA ASN A 190 31.65 -2.57 28.31
C ASN A 190 30.99 -1.53 27.41
N VAL A 191 29.74 -1.19 27.73
CA VAL A 191 28.95 -0.24 26.96
C VAL A 191 28.66 0.99 27.82
N ILE A 192 28.70 2.14 27.19
CA ILE A 192 28.31 3.41 27.79
C ILE A 192 27.29 4.03 26.86
N PHE A 193 26.13 4.41 27.40
CA PHE A 193 25.21 5.14 26.54
C PHE A 193 24.35 6.13 27.32
N ALA A 194 24.17 5.91 28.61
CA ALA A 194 23.24 6.76 29.37
C ALA A 194 23.72 8.20 29.45
N GLU A 195 25.03 8.44 29.50
CA GLU A 195 25.52 9.81 29.55
C GLU A 195 25.39 10.53 28.21
N ASP A 196 25.21 9.78 27.12
CA ASP A 196 25.10 10.35 25.78
C ASP A 196 23.69 10.82 25.43
N LEU A 197 22.78 10.91 26.41
CA LEU A 197 21.38 11.23 26.11
C LEU A 197 21.33 12.62 25.49
N GLU A 198 21.15 12.67 24.17
CA GLU A 198 21.02 13.92 23.44
C GLU A 198 19.74 14.66 23.84
N ILE A 199 19.78 15.99 23.78
CA ILE A 199 18.59 16.82 24.05
C ILE A 199 18.25 17.68 22.83
N TYR B 2 -19.54 -1.97 25.90
CA TYR B 2 -18.43 -2.65 26.57
C TYR B 2 -18.80 -3.08 27.98
N GLU B 3 -20.07 -3.44 28.20
CA GLU B 3 -20.48 -4.01 29.46
C GLU B 3 -19.69 -5.28 29.76
N PHE B 5 -16.95 -6.12 28.73
CA PHE B 5 -15.55 -5.78 29.02
C PHE B 5 -15.40 -5.29 30.46
N LEU B 6 -16.22 -4.32 30.86
CA LEU B 6 -16.12 -3.73 32.19
C LEU B 6 -16.39 -4.73 33.28
N PHE B 7 -17.28 -5.71 33.05
CA PHE B 7 -17.70 -6.58 34.14
C PHE B 7 -16.60 -7.56 34.54
N ASN B 8 -16.01 -8.24 33.55
CA ASN B 8 -14.93 -9.18 33.81
C ASN B 8 -13.69 -8.50 34.39
N SER B 9 -13.65 -7.17 34.43
CA SER B 9 -12.57 -6.46 35.13
C SER B 9 -12.96 -6.32 36.59
N VAL B 10 -12.26 -7.02 37.44
CA VAL B 10 -12.37 -6.81 38.88
C VAL B 10 -11.18 -5.96 39.30
N ASN B 11 -11.41 -5.10 40.30
CA ASN B 11 -10.44 -4.09 40.71
C ASN B 11 -10.13 -3.14 39.55
N SER B 12 -11.05 -2.23 39.27
CA SER B 12 -10.84 -1.13 38.34
C SER B 12 -10.58 0.14 39.13
N LYS B 13 -9.82 1.07 38.53
CA LYS B 13 -9.37 2.30 39.21
C LYS B 13 -9.38 3.42 38.15
N ILE B 14 -10.56 3.99 37.92
CA ILE B 14 -10.66 5.10 36.98
C ILE B 14 -9.90 6.29 37.56
N THR B 15 -8.93 6.79 36.80
CA THR B 15 -8.14 7.93 37.24
C THR B 15 -8.66 9.25 36.68
N GLN B 16 -9.51 9.21 35.67
CA GLN B 16 -10.00 10.43 35.03
C GLN B 16 -11.20 10.12 34.13
N ASN B 17 -12.41 10.36 34.63
CA ASN B 17 -13.59 10.17 33.79
C ASN B 17 -13.48 11.07 32.57
N VAL B 18 -13.92 10.57 31.44
CA VAL B 18 -13.57 11.17 30.16
C VAL B 18 -14.52 12.31 29.84
N ASN B 19 -13.94 13.40 29.34
CA ASN B 19 -14.62 14.61 28.92
C ASN B 19 -15.27 14.41 27.56
N GLU B 20 -15.60 15.52 26.89
CA GLU B 20 -15.91 15.59 25.46
C GLU B 20 -14.88 16.42 24.71
N GLU B 21 -14.34 17.46 25.33
CA GLU B 21 -13.24 18.18 24.68
C GLU B 21 -12.02 17.27 24.57
N PHE B 22 -11.87 16.33 25.52
CA PHE B 22 -10.89 15.26 25.39
C PHE B 22 -11.15 14.42 24.14
N ILE B 23 -12.38 13.94 23.97
CA ILE B 23 -12.74 13.14 22.80
C ILE B 23 -12.58 13.95 21.52
N LEU B 24 -12.89 15.24 21.55
CA LEU B 24 -12.70 16.05 20.34
C LEU B 24 -11.23 16.35 20.08
N LYS B 25 -10.38 16.24 21.10
CA LYS B 25 -8.95 16.39 20.87
C LYS B 25 -8.43 15.37 19.86
N TYR B 26 -9.05 14.19 19.79
CA TYR B 26 -8.55 13.07 19.00
C TYR B 26 -9.46 12.71 17.83
N SER B 27 -10.47 13.53 17.55
CA SER B 27 -11.37 13.32 16.42
C SER B 27 -10.63 13.14 15.11
N ASP B 28 -9.52 13.87 14.93
CA ASP B 28 -8.70 13.72 13.73
C ASP B 28 -8.06 12.34 13.64
N TYR B 29 -7.80 11.68 14.78
CA TYR B 29 -7.10 10.40 14.78
C TYR B 29 -7.95 9.23 15.30
N SER B 30 -9.12 9.49 15.86
CA SER B 30 -9.90 8.39 16.44
C SER B 30 -10.86 7.77 15.45
N CYS B 31 -11.94 7.19 15.97
CA CYS B 31 -13.00 6.51 15.25
C CYS B 31 -14.12 6.28 16.26
N GLU B 32 -15.32 6.00 15.77
CA GLU B 32 -16.46 6.05 16.69
C GLU B 32 -16.42 4.94 17.72
N GLN B 33 -16.02 3.72 17.32
CA GLN B 33 -15.94 2.62 18.30
C GLN B 33 -14.99 2.95 19.44
N LEU B 34 -13.95 3.74 19.16
CA LEU B 34 -13.03 4.16 20.20
C LEU B 34 -13.54 5.39 20.93
N ASN B 35 -14.29 6.26 20.25
CA ASN B 35 -14.89 7.40 20.95
C ASN B 35 -15.98 6.94 21.91
N SER B 36 -16.76 5.93 21.51
CA SER B 36 -17.77 5.42 22.44
C SER B 36 -17.11 4.66 23.58
N LEU B 37 -15.94 4.05 23.34
CA LEU B 37 -15.22 3.41 24.44
C LEU B 37 -14.77 4.46 25.46
N TRP B 38 -14.10 5.51 25.01
CA TRP B 38 -13.78 6.60 25.92
C TRP B 38 -15.03 7.14 26.62
N LYS B 39 -16.20 6.93 26.03
CA LYS B 39 -17.44 7.36 26.70
C LYS B 39 -17.89 6.39 27.79
N GLU B 40 -17.71 5.08 27.56
CA GLU B 40 -18.11 4.05 28.52
C GLU B 40 -17.04 3.73 29.55
N VAL B 41 -15.79 4.08 29.28
CA VAL B 41 -14.64 3.64 30.07
C VAL B 41 -13.70 4.83 30.20
N GLY B 42 -13.41 5.22 31.41
CA GLY B 42 -12.50 6.33 31.61
C GLY B 42 -11.07 5.87 31.71
N LEU B 43 -10.16 6.85 31.67
CA LEU B 43 -8.74 6.54 31.83
C LEU B 43 -8.49 5.93 33.20
N GLY B 44 -8.00 4.70 33.23
CA GLY B 44 -7.64 4.07 34.50
C GLY B 44 -7.09 2.67 34.32
N SER B 45 -6.93 1.99 35.44
CA SER B 45 -6.45 0.60 35.48
C SER B 45 -7.62 -0.37 35.45
N TYR B 46 -7.45 -1.47 34.72
CA TYR B 46 -8.51 -2.46 34.56
C TYR B 46 -7.88 -3.84 34.61
N TYR B 47 -8.67 -4.84 35.00
CA TYR B 47 -8.20 -6.21 35.10
C TYR B 47 -6.96 -6.30 36.00
N ASN B 48 -7.12 -5.80 37.23
CA ASN B 48 -6.11 -5.95 38.28
C ASN B 48 -4.81 -5.23 37.92
N GLY B 49 -4.94 -4.05 37.30
CA GLY B 49 -3.79 -3.28 36.91
C GLY B 49 -3.15 -3.70 35.61
N LEU B 50 -3.52 -4.87 35.10
CA LEU B 50 -2.93 -5.36 33.86
C LEU B 50 -3.09 -4.36 32.72
N PHE B 51 -4.24 -3.67 32.65
CA PHE B 51 -4.61 -2.86 31.49
C PHE B 51 -4.81 -1.41 31.90
N LYS B 52 -4.33 -0.49 31.06
CA LYS B 52 -4.33 0.94 31.39
C LYS B 52 -4.84 1.72 30.19
N ILE B 53 -6.05 2.27 30.31
CA ILE B 53 -6.59 3.18 29.30
C ILE B 53 -5.95 4.54 29.51
N ILE B 54 -5.15 4.98 28.54
CA ILE B 54 -4.19 6.05 28.78
C ILE B 54 -4.63 7.32 28.03
N GLU B 55 -3.98 8.42 28.38
CA GLU B 55 -4.05 9.62 27.58
C GLU B 55 -3.27 9.38 26.30
N PRO B 56 -3.92 9.31 25.13
CA PRO B 56 -3.17 9.05 23.90
C PRO B 56 -1.97 9.96 23.69
N ASN B 57 -2.04 11.23 24.08
CA ASN B 57 -0.94 12.14 23.79
C ASN B 57 0.29 11.86 24.65
N ASP B 58 0.14 11.09 25.73
CA ASP B 58 1.29 10.66 26.52
C ASP B 58 2.25 9.84 25.66
N LEU B 59 1.72 9.00 24.77
CA LEU B 59 2.53 8.14 23.92
C LEU B 59 2.47 8.47 22.44
N LYS B 60 1.49 9.27 22.00
CA LYS B 60 1.25 9.35 20.56
C LYS B 60 2.45 9.91 19.82
N ASP B 61 3.20 10.83 20.43
CA ASP B 61 4.40 11.35 19.79
C ASP B 61 5.52 10.31 19.78
N ILE B 62 5.56 9.43 20.78
CA ILE B 62 6.63 8.44 20.89
C ILE B 62 6.52 7.42 19.76
N ILE B 63 5.29 7.01 19.42
CA ILE B 63 5.09 5.85 18.57
C ILE B 63 4.66 6.21 17.15
N ASN B 64 4.49 7.49 16.83
CA ASN B 64 4.12 7.80 15.44
C ASN B 64 5.32 7.76 14.50
N GLN B 65 6.53 7.56 15.02
CA GLN B 65 7.69 7.26 14.21
C GLN B 65 7.83 5.77 13.92
N CYS B 66 6.87 4.95 14.34
CA CYS B 66 6.93 3.50 14.21
C CYS B 66 6.37 3.05 12.86
N TYR B 67 7.24 2.50 12.02
CA TYR B 67 6.80 1.88 10.77
C TYR B 67 6.07 0.58 11.06
N ILE B 68 4.78 0.54 10.78
CA ILE B 68 3.99 -0.68 10.84
C ILE B 68 3.65 -1.17 9.45
N ASP B 70 2.90 0.25 5.09
CA ASP B 70 2.89 1.32 4.12
C ASP B 70 1.56 2.06 4.17
N ASP B 71 1.64 3.39 4.07
CA ASP B 71 0.49 4.27 3.95
C ASP B 71 -0.32 4.38 5.23
N ASP B 72 0.26 3.99 6.36
CA ASP B 72 -0.27 4.43 7.64
C ASP B 72 -0.34 5.95 7.66
N GLU B 73 -1.45 6.48 8.14
CA GLU B 73 -1.60 7.92 8.28
C GLU B 73 -1.51 8.42 9.71
N SER B 74 -1.88 7.61 10.71
CA SER B 74 -1.75 8.01 12.10
C SER B 74 -1.85 6.78 13.00
N LEU B 75 -1.09 6.80 14.11
CA LEU B 75 -1.13 5.77 15.14
C LEU B 75 -1.62 6.42 16.42
N LEU B 76 -2.73 5.92 16.97
CA LEU B 76 -3.34 6.51 18.17
C LEU B 76 -3.27 5.51 19.32
N PRO B 77 -2.24 5.57 20.16
CA PRO B 77 -2.19 4.66 21.32
C PRO B 77 -3.33 4.94 22.29
N PHE B 78 -4.06 3.90 22.63
CA PHE B 78 -5.19 4.09 23.52
C PHE B 78 -5.17 3.19 24.74
N CYS B 80 -2.48 0.24 27.31
CA CYS B 80 -1.17 -0.30 27.65
C CYS B 80 -1.34 -1.47 28.59
N THR B 81 -0.49 -2.49 28.45
CA THR B 81 -0.48 -3.58 29.40
C THR B 81 0.40 -3.20 30.58
N ALA B 82 0.45 -4.08 31.58
CA ALA B 82 1.30 -3.86 32.74
C ALA B 82 2.76 -4.14 32.48
N PHE B 83 3.13 -4.49 31.24
CA PHE B 83 4.51 -4.71 30.85
C PHE B 83 5.04 -3.64 29.90
N GLY B 84 4.23 -2.61 29.59
CA GLY B 84 4.66 -1.56 28.69
C GLY B 84 4.24 -1.73 27.23
N ASP B 85 3.60 -2.85 26.89
CA ASP B 85 3.08 -3.05 25.54
C ASP B 85 1.99 -2.02 25.23
N VAL B 86 1.85 -1.70 23.95
CA VAL B 86 1.05 -0.57 23.51
C VAL B 86 0.01 -1.06 22.50
N PHE B 87 -1.25 -0.65 22.70
CA PHE B 87 -2.32 -0.78 21.71
C PHE B 87 -2.52 0.57 21.02
N ALA B 88 -2.44 0.57 19.69
CA ALA B 88 -2.66 1.78 18.91
C ALA B 88 -3.76 1.55 17.89
N TYR B 89 -4.58 2.57 17.68
CA TYR B 89 -5.52 2.61 16.56
C TYR B 89 -4.82 3.28 15.38
N VAL B 90 -4.77 2.59 14.24
CA VAL B 90 -4.00 3.02 13.08
C VAL B 90 -4.93 3.32 11.92
N LYS B 91 -4.87 4.56 11.42
CA LYS B 91 -5.63 4.92 10.22
C LYS B 91 -4.82 4.61 8.96
N ASN B 92 -5.42 3.86 8.04
CA ASN B 92 -4.74 3.43 6.81
C ASN B 92 -5.79 3.21 5.73
N LYS B 93 -5.87 4.11 4.75
CA LYS B 93 -6.95 3.98 3.77
C LYS B 93 -6.63 2.98 2.67
N ARG B 94 -5.36 2.55 2.53
CA ARG B 94 -5.06 1.48 1.59
C ARG B 94 -5.40 0.12 2.18
N PHE B 95 -4.95 -0.13 3.40
CA PHE B 95 -5.21 -1.40 4.06
C PHE B 95 -6.55 -1.42 4.78
N GLY B 96 -7.13 -0.26 5.05
CA GLY B 96 -8.19 -0.20 6.04
C GLY B 96 -7.62 0.04 7.43
N ASN B 97 -8.39 0.74 8.25
CA ASN B 97 -7.96 0.97 9.62
C ASN B 97 -7.88 -0.35 10.40
N TYR B 98 -7.21 -0.30 11.54
CA TYR B 98 -6.86 -1.51 12.26
C TYR B 98 -6.21 -1.10 13.56
N VAL B 99 -6.06 -2.09 14.44
CA VAL B 99 -5.37 -1.91 15.70
C VAL B 99 -4.05 -2.66 15.60
N VAL B 100 -2.98 -2.04 16.10
CA VAL B 100 -1.70 -2.70 16.24
C VAL B 100 -1.41 -2.92 17.72
N PHE B 101 -1.08 -4.16 18.08
CA PHE B 101 -0.53 -4.47 19.39
C PHE B 101 0.98 -4.52 19.22
N LEU B 102 1.68 -3.60 19.89
CA LEU B 102 3.14 -3.55 19.89
C LEU B 102 3.61 -4.17 21.20
N ASN B 103 4.20 -5.35 21.11
CA ASN B 103 4.81 -6.00 22.27
C ASN B 103 6.16 -5.34 22.54
N ILE B 104 6.22 -4.51 23.59
CA ILE B 104 7.44 -3.77 23.89
C ILE B 104 8.55 -4.70 24.40
N ARG B 105 8.20 -5.89 24.90
CA ARG B 105 9.21 -6.80 25.40
C ARG B 105 9.90 -7.56 24.27
N TYR B 106 9.13 -8.03 23.29
CA TYR B 106 9.66 -8.82 22.19
C TYR B 106 9.86 -8.02 20.92
N GLY B 107 9.54 -6.73 20.94
CA GLY B 107 9.65 -5.90 19.75
C GLY B 107 8.86 -6.39 18.55
N THR B 108 7.62 -6.85 18.76
CA THR B 108 6.80 -7.35 17.67
C THR B 108 5.52 -6.54 17.52
N SER B 109 4.90 -6.71 16.35
CA SER B 109 3.61 -6.09 16.03
C SER B 109 2.57 -7.15 15.70
N LEU B 110 1.37 -6.96 16.22
CA LEU B 110 0.21 -7.79 15.92
C LEU B 110 -0.87 -6.93 15.27
N ILE B 111 -1.25 -7.26 14.03
CA ILE B 111 -2.32 -6.54 13.34
C ILE B 111 -3.65 -7.17 13.73
N ILE B 112 -4.56 -6.35 14.26
CA ILE B 112 -5.83 -6.80 14.80
C ILE B 112 -6.92 -6.03 14.06
N PRO B 113 -7.94 -6.69 13.52
CA PRO B 113 -9.05 -5.96 12.93
C PRO B 113 -9.61 -4.93 13.91
N ASP B 114 -9.94 -3.75 13.42
CA ASP B 114 -10.39 -2.66 14.29
C ASP B 114 -11.80 -2.87 14.81
N ASN B 115 -12.08 -4.08 15.26
CA ASN B 115 -13.35 -4.40 15.90
C ASN B 115 -13.17 -4.22 17.40
N PHE B 116 -13.41 -3.00 17.91
CA PHE B 116 -13.19 -2.75 19.33
C PHE B 116 -14.12 -3.59 20.19
N VAL B 117 -15.35 -3.81 19.72
CA VAL B 117 -16.28 -4.65 20.45
C VAL B 117 -15.71 -6.06 20.64
N ALA B 118 -15.23 -6.67 19.55
CA ALA B 118 -14.62 -7.98 19.69
C ALA B 118 -13.39 -7.93 20.59
N ILE B 119 -12.53 -6.92 20.38
CA ILE B 119 -11.28 -6.82 21.14
C ILE B 119 -11.56 -6.72 22.63
N PHE B 120 -12.40 -5.76 23.03
CA PHE B 120 -12.60 -5.47 24.45
C PHE B 120 -13.58 -6.42 25.12
N ASN B 121 -14.52 -6.99 24.36
CA ASN B 121 -15.54 -7.81 24.99
C ASN B 121 -15.25 -9.30 24.93
N LYS B 122 -14.55 -9.78 23.92
CA LYS B 122 -14.36 -11.21 23.82
C LYS B 122 -12.91 -11.67 23.72
N VAL B 123 -11.95 -10.79 23.44
CA VAL B 123 -10.54 -11.19 23.39
C VAL B 123 -9.86 -10.95 24.72
N ILE B 124 -10.08 -9.79 25.32
CA ILE B 124 -9.45 -9.45 26.60
C ILE B 124 -9.96 -10.34 27.74
N PRO B 125 -11.29 -10.58 27.89
CA PRO B 125 -11.72 -11.46 28.99
C PRO B 125 -11.57 -12.94 28.66
N ASN B 126 -10.56 -13.29 27.85
CA ASN B 126 -10.33 -14.67 27.39
C ASN B 126 -8.85 -14.99 27.63
N GLN B 127 -8.56 -15.73 28.70
CA GLN B 127 -7.17 -16.04 29.04
C GLN B 127 -6.43 -16.69 27.89
N SER B 128 -7.11 -17.51 27.09
CA SER B 128 -6.44 -18.12 25.93
C SER B 128 -5.75 -17.05 25.10
N PHE B 129 -6.36 -15.87 25.01
CA PHE B 129 -5.93 -14.83 24.10
C PHE B 129 -4.93 -13.89 24.76
N LEU B 130 -5.18 -13.55 26.04
CA LEU B 130 -4.15 -12.92 26.84
C LEU B 130 -2.83 -13.66 26.73
N LYS B 131 -2.88 -14.99 26.68
CA LYS B 131 -1.66 -15.74 26.47
C LYS B 131 -1.31 -15.81 24.99
N GLY B 132 -2.28 -16.16 24.15
CA GLY B 132 -1.99 -16.47 22.77
C GLY B 132 -1.59 -15.25 21.96
N TRP B 133 -2.27 -14.13 22.18
CA TRP B 133 -2.01 -12.91 21.44
C TRP B 133 -1.09 -11.93 22.16
N PHE B 134 -1.24 -11.76 23.48
CA PHE B 134 -0.54 -10.70 24.18
C PHE B 134 0.59 -11.16 25.11
N ASP B 135 0.73 -12.47 25.33
CA ASP B 135 1.78 -13.04 26.20
C ASP B 135 1.75 -12.44 27.60
N LEU B 136 0.55 -12.35 28.18
CA LEU B 136 0.39 -11.80 29.52
C LEU B 136 0.07 -12.87 30.57
N GLU B 137 0.33 -14.15 30.29
CA GLU B 137 -0.04 -15.22 31.20
C GLU B 137 0.56 -15.02 32.59
N ASN B 138 1.81 -14.60 32.67
CA ASN B 138 2.55 -14.51 33.94
C ASN B 138 2.34 -13.19 34.67
N TYR B 139 1.26 -12.45 34.37
CA TYR B 139 1.03 -11.20 35.09
C TYR B 139 0.82 -11.45 36.58
N ALA B 140 -0.07 -12.37 36.93
CA ALA B 140 -0.29 -12.69 38.34
C ALA B 140 1.03 -13.03 39.01
N PHE B 141 1.75 -14.00 38.42
CA PHE B 141 3.03 -14.42 38.96
C PHE B 141 3.98 -13.24 39.17
N VAL B 142 4.18 -12.41 38.15
CA VAL B 142 5.09 -11.27 38.27
C VAL B 142 4.69 -10.36 39.43
N LYS B 143 3.39 -10.14 39.61
CA LYS B 143 2.93 -9.24 40.67
C LYS B 143 3.16 -9.85 42.04
N GLU B 144 2.93 -11.16 42.18
CA GLU B 144 3.26 -11.88 43.42
C GLU B 144 4.71 -11.62 43.84
N LYS B 145 5.63 -11.56 42.88
CA LYS B 145 7.03 -11.46 43.21
C LYS B 145 7.56 -10.04 43.24
N ILE B 146 7.07 -9.15 42.39
CA ILE B 146 7.70 -7.84 42.28
C ILE B 146 6.91 -6.78 43.06
N GLY B 147 5.61 -6.99 43.19
CA GLY B 147 4.72 -6.01 43.81
C GLY B 147 3.74 -5.42 42.80
N GLU B 148 2.80 -4.64 43.34
CA GLU B 148 1.78 -4.05 42.50
C GLU B 148 2.21 -2.68 42.02
N ILE B 149 1.73 -2.29 40.83
CA ILE B 149 2.12 -1.04 40.20
C ILE B 149 0.99 -0.03 40.34
N ASP B 150 1.36 1.25 40.23
CA ASP B 150 0.38 2.32 40.09
C ASP B 150 -0.06 2.34 38.64
N PHE B 151 -0.87 3.34 38.29
CA PHE B 151 -1.23 3.59 36.92
C PHE B 151 -0.15 4.02 35.94
N ASP B 152 0.80 4.81 36.38
CA ASP B 152 1.86 5.29 35.51
C ASP B 152 3.15 4.49 35.63
N GLU B 153 3.11 3.33 36.28
CA GLU B 153 4.26 2.45 36.39
C GLU B 153 4.03 1.20 35.54
N CYS B 154 5.12 0.46 35.31
CA CYS B 154 5.03 -0.86 34.68
C CYS B 154 6.24 -1.69 35.10
N TYR B 155 6.24 -2.95 34.67
CA TYR B 155 7.36 -3.85 34.90
C TYR B 155 8.32 -3.76 33.72
N GLY B 156 9.49 -3.20 33.96
CA GLY B 156 10.54 -3.17 32.98
C GLY B 156 11.56 -4.27 33.26
N TYR B 157 12.14 -4.79 32.19
CA TYR B 157 13.33 -5.63 32.28
C TYR B 157 14.56 -4.75 32.22
N PHE B 158 15.54 -5.05 33.07
CA PHE B 158 16.81 -4.32 33.06
C PHE B 158 17.98 -5.28 33.03
N PRO B 159 18.76 -5.32 31.95
CA PRO B 159 18.51 -4.61 30.69
C PRO B 159 17.31 -5.25 30.00
N THR B 160 16.66 -4.54 29.08
CA THR B 160 15.53 -5.11 28.35
C THR B 160 15.94 -6.37 27.60
N LEU B 161 14.94 -7.11 27.13
CA LEU B 161 15.23 -8.25 26.26
C LEU B 161 15.90 -7.80 24.97
N SER B 162 15.50 -6.64 24.43
CA SER B 162 16.11 -6.19 23.18
C SER B 162 17.58 -5.82 23.35
N GLY B 164 19.66 -7.52 25.30
CA GLY B 164 20.36 -8.67 25.84
C GLY B 164 20.04 -9.03 27.28
N GLY B 165 18.85 -8.73 27.75
CA GLY B 165 18.47 -9.14 29.09
C GLY B 165 17.92 -10.54 29.13
N ASN B 166 17.77 -11.04 30.36
CA ASN B 166 17.53 -12.46 30.59
C ASN B 166 16.07 -12.85 30.40
N GLU B 167 15.13 -12.01 30.87
CA GLU B 167 13.68 -12.29 30.97
C GLU B 167 13.35 -13.10 32.21
N SER B 168 14.21 -13.10 33.22
CA SER B 168 13.82 -13.67 34.50
C SER B 168 13.16 -12.60 35.35
N ILE B 169 12.42 -13.05 36.36
CA ILE B 169 11.85 -12.07 37.28
C ILE B 169 12.96 -11.41 38.11
N ASP B 170 14.16 -12.00 38.17
CA ASP B 170 15.28 -11.36 38.83
C ASP B 170 15.59 -9.99 38.24
N ASN B 171 15.24 -9.74 36.97
CA ASN B 171 15.58 -8.49 36.32
C ASN B 171 14.43 -7.52 36.21
N ILE B 172 13.26 -7.85 36.75
CA ILE B 172 12.12 -6.97 36.61
C ILE B 172 12.14 -5.95 37.74
N SER B 173 11.82 -4.70 37.39
CA SER B 173 11.79 -3.62 38.35
C SER B 173 10.64 -2.71 37.97
N ILE B 174 9.81 -2.35 38.95
CA ILE B 174 8.72 -1.41 38.75
C ILE B 174 9.31 -0.04 38.43
N VAL B 175 9.00 0.48 37.23
CA VAL B 175 9.54 1.75 36.77
C VAL B 175 8.43 2.54 36.06
N LYS B 176 8.72 3.81 35.79
CA LYS B 176 7.76 4.69 35.13
C LYS B 176 7.56 4.24 33.69
N ILE B 178 5.95 5.56 30.75
CA ILE B 178 6.16 6.36 29.55
C ILE B 178 7.63 6.44 29.18
N PRO B 179 8.56 6.80 30.09
CA PRO B 179 9.98 6.77 29.70
C PRO B 179 10.47 5.38 29.33
N TYR B 180 9.92 4.32 29.94
CA TYR B 180 10.28 2.97 29.56
C TYR B 180 9.93 2.68 28.10
N ILE B 181 8.66 2.91 27.73
CA ILE B 181 8.24 2.66 26.35
C ILE B 181 9.06 3.49 25.39
N ASP B 182 9.37 4.73 25.77
CA ASP B 182 10.17 5.59 24.94
C ASP B 182 11.54 4.97 24.68
N ASN B 184 12.45 1.86 24.99
CA ASN B 184 12.32 0.65 24.18
C ASN B 184 11.97 0.95 22.72
N VAL B 185 11.20 2.00 22.45
CA VAL B 185 10.90 2.29 21.06
C VAL B 185 12.14 2.82 20.35
N GLN B 186 13.06 3.45 21.09
CA GLN B 186 14.34 3.94 20.54
C GLN B 186 15.38 2.84 20.36
N ILE B 188 14.64 -0.62 19.42
CA ILE B 188 14.21 -1.43 18.30
C ILE B 188 13.81 -0.49 17.16
N ASP B 189 14.27 -0.78 15.95
CA ASP B 189 13.85 0.02 14.82
C ASP B 189 12.44 -0.39 14.38
N VAL B 190 12.32 -1.55 13.74
CA VAL B 190 11.06 -2.06 13.20
C VAL B 190 10.46 -3.07 14.17
N PHE B 191 9.20 -2.88 14.51
CA PHE B 191 8.46 -3.91 15.24
C PHE B 191 7.98 -4.93 14.21
N GLU B 192 8.75 -6.02 14.05
CA GLU B 192 8.39 -7.03 13.07
C GLU B 192 7.13 -7.77 13.49
N ARG B 193 6.48 -8.37 12.51
CA ARG B 193 5.22 -9.06 12.79
C ARG B 193 5.45 -10.17 13.81
N ALA B 194 4.45 -10.42 14.65
CA ALA B 194 4.58 -11.43 15.68
C ALA B 194 4.25 -12.79 15.08
N ASP B 195 5.17 -13.74 15.22
CA ASP B 195 4.98 -15.10 14.72
C ASP B 195 3.71 -15.62 15.40
N LYS B 196 2.60 -15.64 14.67
CA LYS B 196 1.29 -15.91 15.27
C LYS B 196 0.19 -16.03 14.21
N VAL C 14 4.62 10.86 -64.18
CA VAL C 14 5.42 12.06 -64.40
C VAL C 14 6.60 11.96 -63.43
N THR C 15 6.79 12.98 -62.59
CA THR C 15 7.67 12.85 -61.43
C THR C 15 7.03 11.94 -60.39
N ILE C 16 7.85 11.15 -59.71
CA ILE C 16 7.36 10.27 -58.66
C ILE C 16 8.32 10.30 -57.47
N PHE C 17 7.81 9.97 -56.29
CA PHE C 17 8.59 9.92 -55.07
C PHE C 17 8.35 8.58 -54.40
N ILE C 18 9.39 7.76 -54.33
CA ILE C 18 9.34 6.44 -53.70
C ILE C 18 10.11 6.54 -52.38
N LEU C 19 9.49 6.07 -51.31
CA LEU C 19 10.16 5.95 -50.02
C LEU C 19 10.44 4.47 -49.74
N SER C 20 11.70 4.13 -49.56
CA SER C 20 12.04 2.75 -49.22
C SER C 20 11.48 2.36 -47.84
N VAL C 21 11.38 1.05 -47.62
CA VAL C 21 10.52 0.49 -46.59
C VAL C 21 11.21 0.54 -45.23
N ILE C 22 10.63 1.28 -44.30
CA ILE C 22 11.13 1.41 -42.94
C ILE C 22 10.52 0.32 -42.08
N HIS C 23 11.36 -0.41 -41.36
CA HIS C 23 10.91 -1.34 -40.33
C HIS C 23 10.78 -0.60 -38.99
N VAL C 24 9.76 -0.95 -38.22
CA VAL C 24 9.61 -0.37 -36.89
C VAL C 24 10.72 -0.92 -35.98
N LYS C 25 11.38 -0.02 -35.26
CA LYS C 25 12.53 -0.37 -34.43
C LYS C 25 12.28 0.04 -32.99
N PRO C 26 12.44 -0.85 -32.02
CA PRO C 26 12.71 -2.29 -32.15
C PRO C 26 11.43 -3.04 -32.54
N PRO C 27 11.50 -4.32 -32.88
CA PRO C 27 10.28 -5.03 -33.32
C PRO C 27 9.28 -5.19 -32.19
N PHE C 28 8.00 -5.22 -32.56
CA PHE C 28 6.98 -5.60 -31.59
C PHE C 28 7.32 -6.97 -31.00
N LYS C 29 6.98 -7.16 -29.73
CA LYS C 29 7.40 -8.34 -29.00
C LYS C 29 6.22 -8.95 -28.27
N LEU C 30 6.26 -10.27 -28.13
CA LEU C 30 5.36 -10.96 -27.23
C LEU C 30 6.02 -11.06 -25.86
N LYS C 31 5.42 -10.38 -24.89
CA LYS C 31 5.92 -10.44 -23.53
C LYS C 31 5.96 -11.90 -23.06
N ARG C 32 6.80 -12.15 -22.05
CA ARG C 32 7.03 -13.53 -21.61
C ARG C 32 5.73 -14.23 -21.23
N LYS C 33 4.78 -13.49 -20.64
CA LYS C 33 3.50 -14.08 -20.25
C LYS C 33 2.75 -14.69 -21.44
N PHE C 34 2.89 -14.11 -22.62
CA PHE C 34 2.09 -14.48 -23.79
C PHE C 34 2.83 -15.40 -24.76
N GLN C 35 4.10 -15.70 -24.48
CA GLN C 35 4.81 -16.71 -25.25
C GLN C 35 4.27 -18.11 -24.93
N ASN C 36 4.39 -19.00 -25.91
CA ASN C 36 3.73 -20.32 -25.89
C ASN C 36 2.20 -20.17 -25.76
N ASN C 37 1.63 -19.24 -26.52
CA ASN C 37 0.18 -19.11 -26.65
C ASN C 37 -0.17 -18.71 -28.08
N PRO C 38 -0.33 -19.68 -28.98
CA PRO C 38 -0.57 -19.31 -30.38
C PRO C 38 -1.84 -18.50 -30.58
N HIS C 39 -2.87 -18.72 -29.75
CA HIS C 39 -4.09 -17.91 -29.82
C HIS C 39 -3.77 -16.42 -29.72
N TYR C 40 -2.97 -16.02 -28.72
CA TYR C 40 -2.58 -14.63 -28.59
C TYR C 40 -1.70 -14.19 -29.74
N GLU C 41 -0.64 -14.96 -30.02
CA GLU C 41 0.26 -14.67 -31.13
C GLU C 41 -0.49 -14.42 -32.43
N LYS C 42 -1.45 -15.29 -32.75
CA LYS C 42 -2.20 -15.16 -33.99
C LYS C 42 -2.97 -13.84 -34.00
N GLU C 43 -3.59 -13.49 -32.87
CA GLU C 43 -4.38 -12.26 -32.75
C GLU C 43 -3.50 -11.01 -32.88
N ARG C 45 -0.53 -10.79 -34.39
CA ARG C 45 0.00 -10.63 -35.74
C ARG C 45 -1.06 -10.02 -36.66
N ARG C 46 -2.29 -10.53 -36.58
CA ARG C 46 -3.35 -10.08 -37.46
C ARG C 46 -3.65 -8.60 -37.26
N GLN C 47 -3.62 -8.13 -36.01
CA GLN C 47 -3.85 -6.71 -35.77
C GLN C 47 -2.66 -5.87 -36.24
N LEU C 48 -1.45 -6.27 -35.86
CA LEU C 48 -0.27 -5.66 -36.44
C LEU C 48 -0.35 -5.63 -37.97
N LYS C 49 -0.88 -6.71 -38.58
CA LYS C 49 -1.04 -6.69 -40.03
C LYS C 49 -2.05 -5.63 -40.44
N GLN C 51 -2.75 -2.83 -38.88
CA GLN C 51 -2.13 -1.52 -38.69
C GLN C 51 -1.18 -1.20 -39.84
N GLU C 52 -0.43 -2.21 -40.28
CA GLU C 52 0.51 -2.03 -41.38
C GLU C 52 -0.21 -1.60 -42.64
N ASP C 53 -1.27 -2.33 -43.01
CA ASP C 53 -2.05 -1.96 -44.19
C ASP C 53 -2.69 -0.58 -44.02
N GLY C 54 -3.01 -0.19 -42.79
CA GLY C 54 -3.59 1.12 -42.59
C GLY C 54 -2.59 2.23 -42.86
N ILE C 55 -1.36 2.09 -42.33
CA ILE C 55 -0.35 3.14 -42.48
C ILE C 55 0.03 3.29 -43.95
N ASN C 56 0.26 2.16 -44.62
CA ASN C 56 0.68 2.08 -46.01
C ASN C 56 -0.36 2.59 -47.00
N LYS C 57 -1.57 2.92 -46.55
CA LYS C 57 -2.57 3.55 -47.41
C LYS C 57 -2.57 5.06 -47.27
N LEU C 58 -1.83 5.59 -46.28
CA LEU C 58 -1.69 7.01 -46.04
C LEU C 58 -0.50 7.59 -46.80
N THR C 59 -0.55 8.89 -47.00
CA THR C 59 0.58 9.62 -47.53
C THR C 59 1.42 10.13 -46.38
N VAL C 60 2.65 10.54 -46.69
CA VAL C 60 3.55 11.04 -45.64
C VAL C 60 2.98 12.30 -45.01
N PHE C 61 2.28 13.12 -45.78
CA PHE C 61 1.70 14.34 -45.22
C PHE C 61 0.56 14.03 -44.26
N GLU C 62 -0.32 13.10 -44.63
CA GLU C 62 -1.40 12.70 -43.72
C GLU C 62 -0.83 12.18 -42.42
N TRP C 63 0.03 11.16 -42.52
CA TRP C 63 0.61 10.49 -41.35
C TRP C 63 1.28 11.50 -40.42
N LEU C 64 2.11 12.37 -40.98
CA LEU C 64 2.83 13.31 -40.13
C LEU C 64 1.88 14.32 -39.51
N THR C 65 0.86 14.74 -40.25
CA THR C 65 -0.16 15.62 -39.68
C THR C 65 -0.87 14.95 -38.50
N ASN C 66 -1.36 13.72 -38.72
CA ASN C 66 -2.06 13.00 -37.67
C ASN C 66 -1.16 12.79 -36.46
N ARG C 67 0.13 12.50 -36.69
CA ARG C 67 1.06 12.39 -35.58
C ARG C 67 1.14 13.70 -34.82
N LYS C 68 1.07 14.83 -35.52
CA LYS C 68 1.08 16.11 -34.84
C LYS C 68 -0.18 16.27 -34.00
N THR C 69 -1.33 15.95 -34.58
CA THR C 69 -2.60 15.96 -33.84
C THR C 69 -2.53 15.06 -32.63
N PHE C 70 -1.77 13.97 -32.73
CA PHE C 70 -1.70 13.03 -31.62
C PHE C 70 -0.77 13.51 -30.51
N ARG C 71 0.38 14.11 -30.88
CA ARG C 71 1.28 14.65 -29.86
C ARG C 71 0.64 15.81 -29.10
N GLU C 72 -0.30 16.51 -29.72
CA GLU C 72 -0.92 17.70 -29.11
C GLU C 72 -2.00 17.34 -28.09
N LYS C 73 -2.14 16.05 -27.77
CA LYS C 73 -3.10 15.63 -26.74
C LYS C 73 -2.51 15.72 -25.34
N GLY C 74 -1.19 15.63 -25.20
CA GLY C 74 -0.55 15.67 -23.91
C GLY C 74 0.31 16.91 -23.71
N ARG C 75 0.94 16.95 -22.54
CA ARG C 75 1.97 17.96 -22.25
C ARG C 75 3.13 17.31 -21.48
N THR C 80 6.06 19.82 -13.94
CA THR C 80 5.19 18.67 -14.24
C THR C 80 4.76 17.92 -12.97
N ALA C 81 5.74 17.63 -12.11
CA ALA C 81 5.41 17.14 -10.76
C ALA C 81 4.67 18.21 -9.97
N GLN C 82 4.98 19.48 -10.22
CA GLN C 82 4.28 20.56 -9.54
C GLN C 82 2.82 20.65 -9.99
N ASN C 83 2.56 20.57 -11.29
CA ASN C 83 1.17 20.55 -11.74
C ASN C 83 0.42 19.35 -11.19
N ASP C 84 1.11 18.21 -11.04
CA ASP C 84 0.51 17.03 -10.44
C ASP C 84 -0.02 17.34 -9.04
N ALA C 85 0.83 17.89 -8.17
CA ALA C 85 0.38 18.24 -6.83
C ALA C 85 -0.76 19.25 -6.89
N ARG C 86 -0.64 20.25 -7.75
CA ARG C 86 -1.69 21.26 -7.84
C ARG C 86 -2.99 20.70 -8.40
N ASP C 87 -2.95 19.59 -9.14
CA ASP C 87 -4.16 18.99 -9.68
C ASP C 87 -4.75 17.95 -8.75
N ALA C 88 -3.90 17.25 -8.00
CA ALA C 88 -4.38 16.43 -6.91
C ALA C 88 -5.23 17.25 -5.95
N TYR C 89 -4.83 18.51 -5.74
CA TYR C 89 -5.55 19.38 -4.81
C TYR C 89 -6.96 19.69 -5.32
N LYS C 90 -7.07 20.17 -6.57
CA LYS C 90 -8.39 20.57 -7.07
C LYS C 90 -9.28 19.38 -7.39
N ARG C 91 -8.72 18.21 -7.61
CA ARG C 91 -9.57 17.08 -7.90
C ARG C 91 -10.14 16.48 -6.62
N ARG C 92 -9.31 16.37 -5.58
CA ARG C 92 -9.83 16.00 -4.26
C ARG C 92 -10.89 16.98 -3.80
N LYS C 93 -10.66 18.28 -4.01
CA LYS C 93 -11.68 19.27 -3.70
C LYS C 93 -12.94 18.98 -4.48
N PHE C 95 -13.91 16.35 -5.76
CA PHE C 95 -14.54 15.14 -5.25
C PHE C 95 -15.31 15.39 -3.97
N ASP C 96 -14.84 16.28 -3.11
CA ASP C 96 -15.62 16.60 -1.91
C ASP C 96 -16.95 17.25 -2.29
N TYR C 97 -16.91 18.30 -3.11
CA TYR C 97 -18.16 18.95 -3.50
C TYR C 97 -19.15 17.94 -4.08
N LEU C 99 -19.10 14.52 -3.63
CA LEU C 99 -19.45 13.49 -2.66
C LEU C 99 -20.35 14.02 -1.55
N LEU C 100 -20.40 15.32 -1.34
CA LEU C 100 -21.23 15.91 -0.30
C LEU C 100 -22.53 16.51 -0.84
N SER C 101 -22.88 16.24 -2.10
CA SER C 101 -24.03 16.87 -2.71
C SER C 101 -24.86 15.86 -3.50
N ALA C 102 -26.13 15.71 -3.13
CA ALA C 102 -27.02 14.86 -3.90
C ALA C 102 -27.26 15.42 -5.30
N GLU C 103 -27.14 16.73 -5.46
CA GLU C 103 -27.18 17.35 -6.78
C GLU C 103 -25.97 16.94 -7.60
N ASN C 104 -26.21 16.53 -8.85
CA ASN C 104 -25.12 16.29 -9.80
C ASN C 104 -24.65 17.60 -10.41
N PHE C 105 -23.35 17.71 -10.63
CA PHE C 105 -22.80 18.87 -11.29
C PHE C 105 -22.45 18.55 -12.75
N LYS C 106 -22.31 19.61 -13.55
CA LYS C 106 -21.76 19.48 -14.88
C LYS C 106 -20.26 19.62 -14.78
N TYR C 107 -19.54 18.82 -15.58
CA TYR C 107 -18.08 18.86 -15.56
C TYR C 107 -17.57 20.30 -15.66
N ASP C 108 -18.03 21.04 -16.67
CA ASP C 108 -17.51 22.38 -16.91
C ASP C 108 -17.87 23.35 -15.77
N GLU C 109 -18.98 23.12 -15.07
CA GLU C 109 -19.35 23.98 -13.95
C GLU C 109 -18.45 23.75 -12.75
N ILE C 110 -18.41 22.51 -12.25
CA ILE C 110 -17.68 22.19 -11.02
C ILE C 110 -16.18 22.34 -11.23
N THR C 111 -15.71 22.20 -12.47
CA THR C 111 -14.29 22.35 -12.72
C THR C 111 -13.89 23.82 -12.62
N LYS C 112 -14.77 24.72 -13.04
CA LYS C 112 -14.51 26.15 -12.92
C LYS C 112 -14.67 26.61 -11.47
N LYS C 113 -15.75 26.20 -10.80
CA LYS C 113 -15.98 26.59 -9.42
C LYS C 113 -14.77 26.27 -8.53
N VAL C 114 -14.00 25.27 -8.91
CA VAL C 114 -12.81 24.91 -8.17
C VAL C 114 -11.60 25.62 -8.78
N GLU C 115 -11.75 26.07 -10.00
CA GLU C 115 -10.72 26.75 -10.73
C GLU C 115 -10.35 28.01 -10.08
N ASP C 116 -11.34 28.84 -9.82
CA ASP C 116 -11.09 30.14 -9.22
C ASP C 116 -11.18 30.16 -7.71
N GLU C 117 -11.01 29.01 -7.09
CA GLU C 117 -11.03 28.94 -5.68
C GLU C 117 -9.58 29.12 -5.35
N LEU C 118 -8.72 29.29 -6.36
CA LEU C 118 -7.32 29.58 -6.02
C LEU C 118 -6.99 31.04 -6.32
N LYS C 159 8.90 -4.06 -28.47
CA LYS C 159 7.98 -2.92 -28.47
C LYS C 159 8.41 -2.08 -29.64
N GLY C 160 7.59 -1.18 -30.15
CA GLY C 160 8.10 -0.43 -31.30
C GLY C 160 7.65 1.01 -31.42
N ARG C 161 8.30 1.95 -30.72
CA ARG C 161 7.76 3.30 -30.59
C ARG C 161 7.32 3.88 -31.93
N ALA C 162 6.16 4.52 -31.90
CA ALA C 162 5.77 5.38 -33.00
C ALA C 162 6.68 6.59 -33.09
N GLN C 163 7.21 7.04 -31.95
CA GLN C 163 8.18 8.12 -31.95
C GLN C 163 9.38 7.76 -32.80
N ASN C 164 9.90 6.53 -32.63
CA ASN C 164 11.04 6.07 -33.42
C ASN C 164 10.73 6.13 -34.91
N LEU C 165 9.53 5.69 -35.30
CA LEU C 165 9.16 5.74 -36.71
C LEU C 165 9.18 7.18 -37.22
N GLU C 166 8.54 8.09 -36.50
CA GLU C 166 8.49 9.48 -36.95
C GLU C 166 9.88 10.09 -36.99
N ASP C 167 10.76 9.77 -36.03
CA ASP C 167 12.13 10.27 -36.12
C ASP C 167 12.82 9.78 -37.38
N GLU C 168 12.70 8.48 -37.67
CA GLU C 168 13.40 7.92 -38.81
C GLU C 168 12.82 8.49 -40.10
N LEU C 169 11.49 8.49 -40.21
CA LEU C 169 10.84 9.10 -41.35
C LEU C 169 11.29 10.54 -41.53
N LEU C 170 11.38 11.30 -40.43
CA LEU C 170 11.78 12.69 -40.56
C LEU C 170 13.22 12.82 -41.04
N LYS C 171 14.13 11.99 -40.54
CA LYS C 171 15.52 12.08 -40.99
C LYS C 171 15.64 11.74 -42.47
N VAL C 172 14.85 10.77 -42.95
CA VAL C 172 14.89 10.44 -44.36
C VAL C 172 14.39 11.60 -45.20
N LEU C 173 13.28 12.23 -44.80
CA LEU C 173 12.80 13.41 -45.52
C LEU C 173 13.86 14.52 -45.56
N GLU C 174 14.75 14.59 -44.56
CA GLU C 174 15.77 15.64 -44.57
C GLU C 174 16.78 15.45 -45.68
N GLY C 175 16.97 14.22 -46.16
CA GLY C 175 17.75 13.96 -47.35
C GLY C 175 19.23 14.21 -47.17
N PRO C 176 19.87 14.79 -48.19
CA PRO C 176 19.29 15.36 -49.41
C PRO C 176 18.83 14.26 -50.36
N PRO C 177 17.86 14.54 -51.21
CA PRO C 177 17.17 15.84 -51.37
C PRO C 177 16.15 16.13 -50.26
N LYS C 178 16.13 17.33 -49.70
CA LYS C 178 15.11 17.68 -48.71
C LYS C 178 13.73 17.68 -49.35
N ILE C 179 12.85 16.83 -48.83
CA ILE C 179 11.48 16.72 -49.30
C ILE C 179 10.64 17.79 -48.61
N ASP C 180 9.93 18.57 -49.40
CA ASP C 180 9.15 19.66 -48.82
C ASP C 180 7.73 19.18 -48.50
N GLU C 181 7.03 19.98 -47.70
CA GLU C 181 5.65 19.72 -47.30
C GLU C 181 4.78 19.34 -48.49
N GLU C 182 4.55 20.29 -49.38
CA GLU C 182 3.64 20.06 -50.50
C GLU C 182 4.02 18.81 -51.29
N GLN C 183 5.28 18.37 -51.20
CA GLN C 183 5.70 17.15 -51.87
C GLN C 183 5.46 15.90 -51.04
N GLN C 184 5.27 16.05 -49.73
CA GLN C 184 4.89 14.91 -48.90
C GLN C 184 3.53 14.37 -49.28
N LYS C 185 2.60 15.25 -49.69
CA LYS C 185 1.27 14.82 -50.08
C LYS C 185 1.28 13.79 -51.21
N TYR C 186 2.43 13.55 -51.84
CA TYR C 186 2.51 12.63 -52.97
C TYR C 186 3.42 11.45 -52.71
N ILE C 187 3.88 11.26 -51.47
CA ILE C 187 4.66 10.09 -51.06
C ILE C 187 3.79 9.21 -50.18
N LYS C 188 3.79 7.91 -50.46
CA LYS C 188 3.04 6.95 -49.66
C LYS C 188 3.90 6.43 -48.52
N ASN C 190 5.55 3.66 -46.30
CA ASN C 190 6.10 2.36 -46.69
C ASN C 190 6.76 1.75 -45.46
N VAL C 191 5.98 1.01 -44.68
CA VAL C 191 6.46 0.46 -43.42
C VAL C 191 6.09 -1.01 -43.33
N ILE C 192 6.98 -1.77 -42.69
CA ILE C 192 6.78 -3.18 -42.34
C ILE C 192 7.01 -3.33 -40.84
N PHE C 193 6.13 -4.09 -40.17
CA PHE C 193 6.45 -4.49 -38.81
C PHE C 193 5.77 -5.79 -38.41
N ALA C 194 4.65 -6.13 -39.05
CA ALA C 194 3.88 -7.30 -38.66
C ALA C 194 4.69 -8.58 -38.84
N GLU C 195 5.44 -8.69 -39.93
CA GLU C 195 6.27 -9.87 -40.18
C GLU C 195 7.51 -9.93 -39.29
N ASP C 196 7.82 -8.86 -38.56
CA ASP C 196 9.01 -8.76 -37.72
C ASP C 196 8.72 -9.07 -36.25
N LEU C 197 7.50 -9.51 -35.95
CA LEU C 197 7.11 -9.76 -34.57
C LEU C 197 8.04 -10.79 -33.92
N GLU C 198 8.46 -10.51 -32.69
CA GLU C 198 9.29 -11.42 -31.91
C GLU C 198 8.43 -12.19 -30.94
N ILE C 199 8.56 -13.51 -30.93
CA ILE C 199 7.72 -14.34 -30.06
C ILE C 199 8.52 -15.28 -29.17
N TYR D 2 -20.76 1.90 -4.00
CA TYR D 2 -21.02 1.42 -5.36
C TYR D 2 -22.49 1.16 -5.67
N GLU D 3 -23.42 1.48 -4.79
CA GLU D 3 -24.82 1.32 -5.15
C GLU D 3 -25.20 2.25 -6.28
N PHE D 5 -23.25 3.60 -8.55
CA PHE D 5 -22.62 3.02 -9.73
C PHE D 5 -23.47 1.91 -10.33
N LEU D 6 -23.85 0.92 -9.51
CA LEU D 6 -24.62 -0.20 -10.02
C LEU D 6 -25.98 0.25 -10.52
N PHE D 7 -26.60 1.24 -9.84
CA PHE D 7 -27.96 1.63 -10.16
C PHE D 7 -28.04 2.24 -11.56
N ASN D 8 -27.27 3.31 -11.80
CA ASN D 8 -27.26 4.02 -13.08
C ASN D 8 -26.67 3.20 -14.21
N SER D 9 -26.27 1.96 -13.95
CA SER D 9 -25.74 1.08 -14.98
C SER D 9 -26.89 0.40 -15.72
N VAL D 10 -26.85 0.43 -17.05
CA VAL D 10 -27.76 -0.35 -17.87
C VAL D 10 -27.01 -1.55 -18.40
N ASN D 11 -27.68 -2.70 -18.44
CA ASN D 11 -27.14 -3.89 -19.09
C ASN D 11 -25.87 -4.40 -18.41
N SER D 12 -25.82 -4.26 -17.10
CA SER D 12 -24.77 -4.92 -16.34
C SER D 12 -24.73 -6.40 -16.69
N LYS D 13 -23.56 -6.89 -17.03
CA LYS D 13 -23.33 -8.30 -17.25
C LYS D 13 -22.24 -8.66 -16.25
N ILE D 14 -22.64 -9.05 -15.05
CA ILE D 14 -21.68 -9.44 -14.03
C ILE D 14 -21.30 -10.90 -14.25
N THR D 15 -20.01 -11.14 -14.47
CA THR D 15 -19.53 -12.46 -14.83
C THR D 15 -19.03 -13.26 -13.63
N GLN D 16 -18.50 -12.60 -12.60
CA GLN D 16 -17.79 -13.28 -11.52
C GLN D 16 -17.84 -12.39 -10.29
N ASN D 17 -18.32 -12.94 -9.19
CA ASN D 17 -18.33 -12.22 -7.93
C ASN D 17 -17.18 -12.74 -7.09
N VAL D 18 -16.20 -11.88 -6.86
CA VAL D 18 -14.85 -12.30 -6.53
C VAL D 18 -14.79 -12.99 -5.17
N ASN D 19 -13.92 -13.99 -5.05
CA ASN D 19 -13.72 -14.75 -3.81
C ASN D 19 -12.37 -14.39 -3.18
N GLU D 20 -12.05 -15.05 -2.07
CA GLU D 20 -10.90 -14.60 -1.27
C GLU D 20 -9.57 -15.07 -1.85
N GLU D 21 -9.53 -16.20 -2.56
CA GLU D 21 -8.35 -16.51 -3.35
C GLU D 21 -7.95 -15.30 -4.18
N PHE D 22 -8.92 -14.72 -4.89
CA PHE D 22 -8.69 -13.55 -5.74
C PHE D 22 -8.09 -12.39 -4.95
N ILE D 23 -8.77 -11.98 -3.87
CA ILE D 23 -8.29 -10.89 -3.02
C ILE D 23 -6.82 -11.10 -2.65
N LEU D 24 -6.50 -12.27 -2.09
CA LEU D 24 -5.12 -12.56 -1.72
C LEU D 24 -4.20 -12.49 -2.92
N LYS D 25 -4.68 -12.88 -4.10
CA LYS D 25 -3.86 -12.89 -5.31
C LYS D 25 -3.32 -11.50 -5.63
N TYR D 26 -4.05 -10.44 -5.28
CA TYR D 26 -3.64 -9.09 -5.64
C TYR D 26 -3.32 -8.23 -4.41
N SER D 27 -3.06 -8.87 -3.27
CA SER D 27 -2.88 -8.16 -2.01
C SER D 27 -1.66 -7.23 -2.02
N ASP D 28 -0.57 -7.63 -2.67
CA ASP D 28 0.60 -6.76 -2.74
C ASP D 28 0.34 -5.48 -3.52
N TYR D 29 -0.80 -5.37 -4.22
CA TYR D 29 -1.01 -4.31 -5.20
C TYR D 29 -2.31 -3.56 -4.97
N SER D 30 -3.31 -4.22 -4.40
CA SER D 30 -4.64 -3.63 -4.38
C SER D 30 -4.77 -2.71 -3.17
N CYS D 31 -6.01 -2.31 -2.87
CA CYS D 31 -6.30 -1.57 -1.67
C CYS D 31 -7.70 -1.95 -1.23
N GLU D 32 -8.13 -1.40 -0.09
CA GLU D 32 -9.38 -1.85 0.50
C GLU D 32 -10.58 -1.44 -0.35
N GLN D 33 -10.66 -0.15 -0.73
CA GLN D 33 -11.70 0.32 -1.63
C GLN D 33 -11.76 -0.55 -2.88
N LEU D 34 -10.60 -0.90 -3.43
CA LEU D 34 -10.59 -1.79 -4.59
C LEU D 34 -11.11 -3.18 -4.23
N ASN D 35 -10.75 -3.70 -3.06
CA ASN D 35 -11.24 -5.03 -2.69
C ASN D 35 -12.76 -5.03 -2.57
N SER D 36 -13.35 -3.90 -2.17
CA SER D 36 -14.82 -3.82 -2.04
C SER D 36 -15.51 -3.77 -3.40
N LEU D 37 -15.02 -2.92 -4.29
CA LEU D 37 -15.45 -2.93 -5.68
C LEU D 37 -15.58 -4.35 -6.21
N TRP D 38 -14.60 -5.21 -5.93
CA TRP D 38 -14.62 -6.56 -6.47
C TRP D 38 -15.69 -7.42 -5.80
N LYS D 39 -15.82 -7.36 -4.46
CA LYS D 39 -16.82 -8.20 -3.81
C LYS D 39 -18.23 -7.71 -4.10
N GLU D 40 -18.43 -6.40 -4.08
CA GLU D 40 -19.78 -5.87 -4.19
C GLU D 40 -20.26 -5.76 -5.63
N VAL D 41 -19.35 -5.52 -6.56
CA VAL D 41 -19.71 -5.24 -7.94
C VAL D 41 -19.25 -6.35 -8.87
N GLY D 42 -18.04 -6.86 -8.67
CA GLY D 42 -17.55 -8.02 -9.40
C GLY D 42 -17.02 -7.66 -10.78
N LEU D 43 -16.24 -8.57 -11.34
CA LEU D 43 -15.80 -8.41 -12.71
C LEU D 43 -17.01 -8.47 -13.64
N GLY D 44 -16.92 -7.82 -14.78
CA GLY D 44 -18.03 -7.79 -15.71
C GLY D 44 -18.01 -6.51 -16.53
N SER D 45 -19.12 -6.29 -17.22
CA SER D 45 -19.28 -5.14 -18.10
C SER D 45 -20.45 -4.29 -17.59
N TYR D 46 -20.30 -2.97 -17.70
CA TYR D 46 -21.25 -2.04 -17.10
C TYR D 46 -21.49 -0.86 -18.04
N TYR D 47 -22.63 -0.19 -17.84
CA TYR D 47 -23.00 0.98 -18.62
C TYR D 47 -23.03 0.66 -20.12
N ASN D 48 -23.85 -0.32 -20.48
CA ASN D 48 -24.05 -0.74 -21.87
C ASN D 48 -22.75 -1.14 -22.54
N GLY D 49 -21.88 -1.81 -21.79
CA GLY D 49 -20.64 -2.28 -22.32
C GLY D 49 -19.52 -1.28 -22.37
N LEU D 50 -19.72 -0.07 -21.83
CA LEU D 50 -18.70 0.97 -21.94
C LEU D 50 -17.54 0.72 -20.99
N PHE D 51 -17.79 0.10 -19.84
CA PHE D 51 -16.75 -0.18 -18.84
C PHE D 51 -16.69 -1.66 -18.53
N LYS D 52 -15.49 -2.21 -18.46
CA LYS D 52 -15.28 -3.62 -18.14
C LYS D 52 -14.38 -3.69 -16.91
N ILE D 53 -14.88 -4.33 -15.86
CA ILE D 53 -14.08 -4.54 -14.65
C ILE D 53 -13.33 -5.85 -14.87
N ILE D 54 -12.02 -5.78 -15.01
CA ILE D 54 -11.25 -6.85 -15.59
C ILE D 54 -10.55 -7.66 -14.49
N GLU D 55 -10.05 -8.82 -14.87
CA GLU D 55 -9.04 -9.51 -14.10
C GLU D 55 -7.71 -8.79 -14.25
N PRO D 56 -7.12 -8.27 -13.16
CA PRO D 56 -5.90 -7.46 -13.31
C PRO D 56 -4.76 -8.16 -14.04
N ASN D 57 -4.64 -9.47 -13.92
CA ASN D 57 -3.50 -10.15 -14.55
C ASN D 57 -3.59 -10.19 -16.06
N ASP D 58 -4.74 -9.84 -16.66
CA ASP D 58 -4.81 -9.75 -18.11
C ASP D 58 -3.97 -8.61 -18.63
N LEU D 59 -3.87 -7.53 -17.87
CA LEU D 59 -3.17 -6.33 -18.31
C LEU D 59 -1.90 -6.04 -17.54
N LYS D 60 -1.70 -6.67 -16.37
CA LYS D 60 -0.75 -6.13 -15.39
C LYS D 60 0.67 -6.09 -15.92
N ASP D 61 1.07 -7.09 -16.69
CA ASP D 61 2.44 -7.09 -17.24
C ASP D 61 2.58 -6.08 -18.36
N ILE D 62 1.60 -6.04 -19.27
CA ILE D 62 1.54 -5.03 -20.33
C ILE D 62 1.81 -3.65 -19.77
N ILE D 63 1.13 -3.31 -18.68
CA ILE D 63 1.10 -1.93 -18.20
C ILE D 63 2.21 -1.58 -17.20
N ASN D 64 2.82 -2.57 -16.54
CA ASN D 64 3.89 -2.17 -15.63
C ASN D 64 5.17 -1.92 -16.43
N GLN D 65 5.00 -1.51 -17.67
CA GLN D 65 6.08 -0.92 -18.45
C GLN D 65 6.02 0.59 -18.47
N CYS D 66 4.81 1.14 -18.41
CA CYS D 66 4.59 2.56 -18.64
C CYS D 66 5.18 3.38 -17.50
N TYR D 67 5.90 4.44 -17.86
CA TYR D 67 6.30 5.46 -16.91
C TYR D 67 5.15 6.44 -16.72
N ILE D 68 4.77 6.64 -15.46
CA ILE D 68 3.82 7.69 -15.09
C ILE D 68 4.43 8.67 -14.11
N ASP D 70 7.69 9.33 -10.84
CA ASP D 70 9.06 8.98 -10.46
C ASP D 70 9.12 7.71 -9.61
N ASP D 71 8.32 7.64 -8.57
CA ASP D 71 8.50 6.59 -7.56
C ASP D 71 7.39 5.56 -7.54
N ASP D 72 6.83 5.21 -8.70
CA ASP D 72 5.77 4.20 -8.74
C ASP D 72 6.30 2.82 -8.32
N GLU D 73 5.60 2.17 -7.39
CA GLU D 73 6.01 0.84 -6.96
C GLU D 73 5.34 -0.28 -7.75
N SER D 74 4.11 -0.05 -8.21
CA SER D 74 3.34 -1.05 -8.95
C SER D 74 2.08 -0.38 -9.50
N LEU D 75 1.54 -0.98 -10.56
CA LEU D 75 0.33 -0.47 -11.19
C LEU D 75 -0.62 -1.63 -11.35
N LEU D 76 -1.81 -1.51 -10.77
CA LEU D 76 -2.80 -2.57 -10.90
C LEU D 76 -3.88 -2.10 -11.85
N PRO D 77 -3.91 -2.61 -13.08
CA PRO D 77 -5.04 -2.33 -13.97
C PRO D 77 -6.27 -3.06 -13.47
N PHE D 78 -7.37 -2.32 -13.32
CA PHE D 78 -8.60 -2.91 -12.83
C PHE D 78 -9.85 -2.58 -13.66
N CYS D 80 -11.24 -1.27 -17.89
CA CYS D 80 -11.03 -0.79 -19.24
C CYS D 80 -12.30 -0.19 -19.78
N THR D 81 -12.15 0.54 -20.88
CA THR D 81 -13.30 1.04 -21.63
C THR D 81 -13.49 0.23 -22.91
N ALA D 82 -14.57 0.53 -23.62
CA ALA D 82 -14.81 -0.08 -24.92
C ALA D 82 -13.82 0.38 -25.98
N PHE D 83 -12.94 1.32 -25.65
CA PHE D 83 -11.90 1.76 -26.57
C PHE D 83 -10.52 1.26 -26.15
N GLY D 84 -10.44 0.47 -25.08
CA GLY D 84 -9.17 0.00 -24.60
C GLY D 84 -8.45 0.92 -23.65
N ASP D 85 -9.07 2.03 -23.25
CA ASP D 85 -8.45 2.84 -22.21
C ASP D 85 -8.44 2.04 -20.90
N VAL D 86 -7.47 2.35 -20.04
CA VAL D 86 -7.17 1.51 -18.89
C VAL D 86 -7.18 2.39 -17.65
N PHE D 87 -7.90 1.95 -16.62
CA PHE D 87 -7.79 2.49 -15.27
C PHE D 87 -6.90 1.57 -14.46
N ALA D 88 -5.94 2.14 -13.74
CA ALA D 88 -5.06 1.34 -12.91
C ALA D 88 -4.85 2.03 -11.57
N TYR D 89 -4.72 1.21 -10.53
CA TYR D 89 -4.40 1.69 -9.19
C TYR D 89 -2.89 1.67 -9.01
N VAL D 90 -2.29 2.82 -8.68
CA VAL D 90 -0.84 2.97 -8.64
C VAL D 90 -0.38 3.22 -7.21
N LYS D 91 0.55 2.39 -6.73
CA LYS D 91 1.13 2.51 -5.39
C LYS D 91 2.40 3.36 -5.48
N ASN D 92 2.41 4.49 -4.77
CA ASN D 92 3.51 5.44 -4.82
C ASN D 92 3.81 5.92 -3.40
N LYS D 93 5.00 5.59 -2.90
CA LYS D 93 5.39 6.00 -1.55
C LYS D 93 5.65 7.50 -1.46
N ARG D 94 6.16 8.12 -2.55
CA ARG D 94 6.48 9.54 -2.56
C ARG D 94 5.23 10.40 -2.76
N PHE D 95 4.53 10.20 -3.87
CA PHE D 95 3.36 11.02 -4.17
C PHE D 95 2.13 10.59 -3.39
N GLY D 96 2.14 9.41 -2.79
CA GLY D 96 0.93 8.78 -2.33
C GLY D 96 0.23 8.02 -3.44
N ASN D 97 -0.64 7.11 -3.04
CA ASN D 97 -1.29 6.25 -4.01
C ASN D 97 -2.38 7.00 -4.78
N TYR D 98 -2.64 6.55 -6.01
CA TYR D 98 -3.58 7.25 -6.87
C TYR D 98 -4.11 6.29 -7.92
N VAL D 99 -5.07 6.79 -8.69
CA VAL D 99 -5.59 6.10 -9.86
C VAL D 99 -5.15 6.86 -11.10
N VAL D 100 -4.69 6.14 -12.11
CA VAL D 100 -4.36 6.74 -13.40
C VAL D 100 -5.35 6.25 -14.43
N PHE D 101 -5.86 7.16 -15.24
CA PHE D 101 -6.61 6.81 -16.43
C PHE D 101 -5.64 6.86 -17.60
N LEU D 102 -5.48 5.72 -18.28
CA LEU D 102 -4.57 5.61 -19.43
C LEU D 102 -5.43 5.64 -20.68
N ASN D 103 -5.44 6.77 -21.37
CA ASN D 103 -6.22 6.87 -22.59
C ASN D 103 -5.33 6.36 -23.70
N ILE D 104 -5.56 5.13 -24.15
CA ILE D 104 -4.65 4.54 -25.15
C ILE D 104 -4.93 5.05 -26.54
N ARG D 105 -6.08 5.71 -26.76
CA ARG D 105 -6.35 6.37 -28.03
C ARG D 105 -5.53 7.65 -28.17
N TYR D 106 -5.25 8.34 -27.08
CA TYR D 106 -4.57 9.62 -27.15
C TYR D 106 -3.18 9.61 -26.52
N GLY D 107 -2.70 8.45 -26.07
CA GLY D 107 -1.39 8.35 -25.43
C GLY D 107 -1.22 9.20 -24.19
N THR D 108 -2.30 9.45 -23.46
CA THR D 108 -2.26 10.36 -22.32
C THR D 108 -2.54 9.62 -21.01
N SER D 109 -2.04 10.21 -19.92
CA SER D 109 -2.30 9.76 -18.57
C SER D 109 -3.07 10.86 -17.85
N LEU D 110 -4.07 10.46 -17.05
CA LEU D 110 -4.84 11.37 -16.23
C LEU D 110 -4.78 10.85 -14.80
N ILE D 111 -4.29 11.70 -13.87
CA ILE D 111 -4.09 11.29 -12.48
C ILE D 111 -5.33 11.66 -11.66
N ILE D 112 -5.88 10.66 -10.98
CA ILE D 112 -7.17 10.76 -10.31
C ILE D 112 -6.97 10.45 -8.84
N PRO D 113 -7.45 11.29 -7.92
CA PRO D 113 -7.28 10.99 -6.50
C PRO D 113 -7.60 9.51 -6.28
N ASP D 114 -7.12 8.98 -5.16
CA ASP D 114 -7.33 7.63 -4.64
C ASP D 114 -8.79 7.24 -4.36
N ASN D 115 -9.76 8.09 -4.71
CA ASN D 115 -11.12 8.02 -4.16
C ASN D 115 -12.05 7.19 -5.04
N PHE D 116 -12.14 5.89 -4.74
CA PHE D 116 -12.94 5.01 -5.59
C PHE D 116 -14.43 5.29 -5.49
N VAL D 117 -14.91 5.77 -4.33
CA VAL D 117 -16.34 5.99 -4.19
C VAL D 117 -16.76 7.19 -5.05
N ALA D 118 -15.90 8.22 -5.10
CA ALA D 118 -16.18 9.34 -5.99
C ALA D 118 -16.14 8.91 -7.45
N ILE D 119 -15.12 8.12 -7.82
CA ILE D 119 -14.93 7.72 -9.22
C ILE D 119 -16.12 6.90 -9.70
N PHE D 120 -16.53 5.90 -8.91
CA PHE D 120 -17.56 4.99 -9.41
C PHE D 120 -18.96 5.54 -9.18
N ASN D 121 -19.19 6.21 -8.05
CA ASN D 121 -20.52 6.72 -7.81
C ASN D 121 -20.76 8.11 -8.39
N LYS D 122 -19.79 9.01 -8.38
CA LYS D 122 -20.07 10.36 -8.87
C LYS D 122 -19.49 10.66 -10.25
N VAL D 123 -18.42 10.00 -10.68
CA VAL D 123 -17.83 10.31 -11.97
C VAL D 123 -18.44 9.44 -13.08
N ILE D 124 -18.36 8.11 -12.92
CA ILE D 124 -18.80 7.21 -13.98
C ILE D 124 -20.25 7.45 -14.42
N PRO D 125 -21.21 7.58 -13.51
CA PRO D 125 -22.60 7.82 -13.96
C PRO D 125 -22.83 9.22 -14.49
N ASN D 126 -21.79 10.05 -14.56
CA ASN D 126 -21.89 11.45 -14.97
C ASN D 126 -21.42 11.59 -16.42
N GLN D 127 -22.36 11.79 -17.36
CA GLN D 127 -21.98 11.91 -18.76
C GLN D 127 -21.08 13.10 -19.00
N SER D 128 -21.25 14.19 -18.24
CA SER D 128 -20.35 15.34 -18.35
C SER D 128 -18.90 14.95 -18.12
N PHE D 129 -18.65 14.09 -17.14
CA PHE D 129 -17.29 13.69 -16.85
C PHE D 129 -16.79 12.67 -17.87
N LEU D 130 -17.67 11.77 -18.32
CA LEU D 130 -17.30 10.86 -19.41
C LEU D 130 -16.83 11.64 -20.63
N LYS D 131 -17.46 12.76 -20.92
CA LYS D 131 -16.92 13.61 -21.98
C LYS D 131 -15.67 14.32 -21.50
N GLY D 132 -15.75 14.92 -20.31
CA GLY D 132 -14.70 15.82 -19.86
C GLY D 132 -13.38 15.10 -19.65
N TRP D 133 -13.41 14.01 -18.88
CA TRP D 133 -12.18 13.32 -18.50
C TRP D 133 -11.79 12.21 -19.46
N PHE D 134 -12.76 11.42 -19.91
CA PHE D 134 -12.49 10.14 -20.52
C PHE D 134 -12.69 10.15 -22.03
N ASP D 135 -13.22 11.23 -22.59
CA ASP D 135 -13.48 11.34 -24.02
C ASP D 135 -14.28 10.14 -24.52
N LEU D 136 -15.34 9.79 -23.79
CA LEU D 136 -16.18 8.64 -24.11
C LEU D 136 -17.56 9.06 -24.62
N GLU D 137 -17.70 10.29 -25.12
CA GLU D 137 -19.02 10.79 -25.51
C GLU D 137 -19.57 10.11 -26.76
N ASN D 138 -18.71 9.62 -27.65
CA ASN D 138 -19.16 9.02 -28.90
C ASN D 138 -19.45 7.53 -28.80
N TYR D 139 -19.40 6.96 -27.59
CA TYR D 139 -19.58 5.51 -27.45
C TYR D 139 -20.90 5.05 -28.08
N ALA D 140 -22.02 5.73 -27.77
CA ALA D 140 -23.30 5.17 -28.19
C ALA D 140 -23.46 5.17 -29.69
N PHE D 141 -22.81 6.12 -30.37
CA PHE D 141 -22.87 6.22 -31.82
C PHE D 141 -21.88 5.26 -32.48
N VAL D 142 -20.69 5.10 -31.89
CA VAL D 142 -19.73 4.12 -32.38
C VAL D 142 -20.37 2.74 -32.38
N LYS D 143 -21.11 2.41 -31.31
CA LYS D 143 -21.81 1.14 -31.25
C LYS D 143 -22.95 1.10 -32.26
N GLU D 144 -23.63 2.22 -32.44
CA GLU D 144 -24.63 2.33 -33.49
C GLU D 144 -24.05 1.93 -34.83
N LYS D 145 -22.84 2.41 -35.14
CA LYS D 145 -22.30 2.31 -36.48
C LYS D 145 -21.43 1.08 -36.70
N ILE D 146 -21.00 0.41 -35.64
CA ILE D 146 -20.04 -0.68 -35.78
C ILE D 146 -20.60 -1.96 -35.17
N GLY D 147 -21.46 -1.82 -34.17
CA GLY D 147 -22.07 -2.96 -33.51
C GLY D 147 -21.51 -3.19 -32.10
N GLU D 148 -22.12 -4.16 -31.42
CA GLU D 148 -21.82 -4.45 -30.03
C GLU D 148 -20.52 -5.25 -29.91
N ILE D 149 -20.00 -5.33 -28.67
CA ILE D 149 -18.72 -5.98 -28.38
C ILE D 149 -18.87 -6.91 -27.18
N ASP D 150 -18.23 -8.09 -27.29
CA ASP D 150 -18.09 -8.98 -26.16
C ASP D 150 -17.28 -8.31 -25.06
N PHE D 151 -17.24 -8.98 -23.91
CA PHE D 151 -16.47 -8.44 -22.80
C PHE D 151 -14.99 -8.38 -23.12
N ASP D 152 -14.48 -9.29 -23.95
CA ASP D 152 -13.05 -9.32 -24.23
C ASP D 152 -12.66 -8.59 -25.51
N GLU D 153 -13.54 -7.79 -26.09
CA GLU D 153 -13.26 -7.04 -27.32
C GLU D 153 -13.34 -5.54 -27.09
N CYS D 154 -12.89 -4.77 -28.06
CA CYS D 154 -13.05 -3.33 -28.00
C CYS D 154 -13.05 -2.75 -29.42
N TYR D 155 -13.31 -1.45 -29.51
CA TYR D 155 -13.17 -0.70 -30.76
C TYR D 155 -11.73 -0.22 -30.87
N GLY D 156 -11.06 -0.62 -31.93
CA GLY D 156 -9.68 -0.21 -32.16
C GLY D 156 -9.57 0.60 -33.43
N TYR D 157 -8.76 1.65 -33.38
CA TYR D 157 -8.49 2.43 -34.57
C TYR D 157 -7.38 1.77 -35.37
N PHE D 158 -7.61 1.54 -36.65
CA PHE D 158 -6.59 0.97 -37.54
C PHE D 158 -6.33 1.88 -38.74
N PRO D 159 -5.17 2.53 -38.82
CA PRO D 159 -4.09 2.48 -37.81
C PRO D 159 -4.44 3.26 -36.55
N THR D 160 -3.77 2.97 -35.44
CA THR D 160 -4.01 3.74 -34.24
C THR D 160 -3.74 5.21 -34.50
N LEU D 161 -4.30 6.07 -33.65
CA LEU D 161 -3.93 7.48 -33.70
C LEU D 161 -2.46 7.66 -33.34
N SER D 162 -2.00 6.93 -32.34
CA SER D 162 -0.58 6.74 -32.07
C SER D 162 0.24 6.54 -33.36
N GLY D 164 -0.42 7.37 -36.34
CA GLY D 164 -0.76 8.30 -37.40
C GLY D 164 -2.08 8.06 -38.10
N GLY D 165 -3.02 7.35 -37.48
CA GLY D 165 -4.30 7.10 -38.12
C GLY D 165 -5.27 8.26 -37.94
N ASN D 166 -6.20 8.36 -38.89
CA ASN D 166 -7.32 9.29 -38.77
C ASN D 166 -8.21 8.88 -37.61
N GLU D 167 -8.72 9.87 -36.89
CA GLU D 167 -9.71 9.53 -35.87
C GLU D 167 -11.06 9.60 -36.60
N SER D 168 -11.50 8.46 -37.12
CA SER D 168 -12.67 8.41 -37.99
C SER D 168 -13.37 7.08 -37.84
N ILE D 169 -14.71 7.10 -37.92
CA ILE D 169 -15.52 5.88 -37.78
C ILE D 169 -15.12 4.81 -38.81
N ASP D 170 -14.61 5.23 -39.96
CA ASP D 170 -14.22 4.28 -41.00
C ASP D 170 -12.98 3.50 -40.61
N ASN D 171 -12.32 3.86 -39.51
CA ASN D 171 -11.07 3.23 -39.12
C ASN D 171 -11.22 2.30 -37.94
N ILE D 172 -12.43 2.18 -37.38
CA ILE D 172 -12.67 1.41 -36.17
C ILE D 172 -13.01 -0.03 -36.55
N SER D 173 -12.28 -0.98 -35.98
CA SER D 173 -12.64 -2.38 -36.06
C SER D 173 -12.86 -2.94 -34.66
N ILE D 174 -13.71 -3.96 -34.57
CA ILE D 174 -13.89 -4.69 -33.31
C ILE D 174 -12.79 -5.73 -33.23
N VAL D 175 -11.88 -5.59 -32.27
CA VAL D 175 -10.77 -6.52 -32.10
C VAL D 175 -10.61 -6.89 -30.63
N LYS D 176 -9.78 -7.91 -30.38
CA LYS D 176 -9.56 -8.37 -29.02
C LYS D 176 -8.82 -7.32 -28.24
N ILE D 178 -6.99 -7.22 -25.17
CA ILE D 178 -5.63 -7.37 -24.65
C ILE D 178 -4.60 -7.17 -25.74
N PRO D 179 -4.65 -7.88 -26.88
CA PRO D 179 -3.70 -7.58 -27.96
C PRO D 179 -3.67 -6.12 -28.38
N TYR D 180 -4.83 -5.46 -28.45
CA TYR D 180 -4.87 -4.07 -28.89
C TYR D 180 -4.25 -3.13 -27.87
N ILE D 181 -4.42 -3.39 -26.58
CA ILE D 181 -3.74 -2.55 -25.58
C ILE D 181 -2.23 -2.81 -25.60
N ASP D 182 -1.83 -4.08 -25.64
CA ASP D 182 -0.41 -4.43 -25.68
C ASP D 182 0.32 -3.69 -26.79
N ASN D 184 -0.67 -0.91 -28.48
CA ASN D 184 -0.62 0.52 -28.22
C ASN D 184 0.42 0.86 -27.17
N VAL D 185 0.55 0.03 -26.13
CA VAL D 185 1.57 0.30 -25.14
C VAL D 185 2.97 0.14 -25.74
N GLN D 186 3.13 -0.78 -26.71
CA GLN D 186 4.42 -0.92 -27.36
C GLN D 186 4.72 0.19 -28.37
N ILE D 188 3.33 3.56 -27.86
CA ILE D 188 3.41 4.73 -26.99
C ILE D 188 4.23 4.32 -25.78
N ASP D 189 5.44 4.84 -25.65
CA ASP D 189 6.23 4.47 -24.48
C ASP D 189 5.70 5.19 -23.24
N VAL D 190 5.82 6.53 -23.23
CA VAL D 190 5.43 7.37 -22.10
C VAL D 190 4.04 7.98 -22.34
N PHE D 191 3.22 7.94 -21.30
CA PHE D 191 1.88 8.53 -21.36
C PHE D 191 1.94 9.93 -20.76
N GLU D 192 2.08 10.93 -21.63
CA GLU D 192 2.02 12.33 -21.22
C GLU D 192 0.72 12.64 -20.46
N ARG D 193 0.80 13.61 -19.56
CA ARG D 193 -0.41 14.06 -18.89
C ARG D 193 -1.40 14.62 -19.90
N ALA D 194 -2.69 14.37 -19.65
CA ALA D 194 -3.71 14.84 -20.56
C ALA D 194 -3.94 16.33 -20.40
N ASP D 195 -4.53 16.92 -21.43
CA ASP D 195 -4.82 18.36 -21.44
C ASP D 195 -6.17 18.60 -20.76
N LYS D 196 -6.18 18.34 -19.44
CA LYS D 196 -7.36 18.59 -18.61
C LYS D 196 -7.00 19.45 -17.40
#